data_7KW4
# 
_entry.id   7KW4 
# 
_audit_conform.dict_name       mmcif_pdbx.dic 
_audit_conform.dict_version    5.380 
_audit_conform.dict_location   http://mmcif.pdb.org/dictionaries/ascii/mmcif_pdbx.dic 
# 
loop_
_database_2.database_id 
_database_2.database_code 
_database_2.pdbx_database_accession 
_database_2.pdbx_DOI 
PDB   7KW4         pdb_00007kw4 10.2210/pdb7kw4/pdb 
WWPDB D_1000253263 ?            ?                   
# 
_pdbx_database_status.status_code                     REL 
_pdbx_database_status.status_code_sf                  REL 
_pdbx_database_status.status_code_mr                  ? 
_pdbx_database_status.entry_id                        7KW4 
_pdbx_database_status.recvd_initial_deposition_date   2020-11-29 
_pdbx_database_status.SG_entry                        N 
_pdbx_database_status.deposit_site                    RCSB 
_pdbx_database_status.process_site                    RCSB 
_pdbx_database_status.status_code_cs                  ? 
_pdbx_database_status.status_code_nmr_data            ? 
_pdbx_database_status.methods_development_category    ? 
_pdbx_database_status.pdb_format_compatible           Y 
# 
loop_
_audit_author.name 
_audit_author.pdbx_ordinal 
_audit_author.identifier_ORCID 
'Zhang, W.' 1 0000-0003-4811-4384 
'Zhang, Y.' 2 0000-0001-7912-4935 
# 
_citation.abstract                  ? 
_citation.abstract_id_CAS           ? 
_citation.book_id_ISBN              ? 
_citation.book_publisher            ? 
_citation.book_publisher_city       ? 
_citation.book_title                ? 
_citation.coordinate_linkage        ? 
_citation.country                   US 
_citation.database_id_Medline       ? 
_citation.details                   ? 
_citation.id                        primary 
_citation.journal_abbrev            Org.Lett. 
_citation.journal_id_ASTM           ? 
_citation.journal_id_CSD            ? 
_citation.journal_id_ISSN           1523-7060 
_citation.journal_full              ? 
_citation.journal_issue             ? 
_citation.journal_volume            23 
_citation.language                  ? 
_citation.page_first                5007 
_citation.page_last                 5011 
_citation.title                     
;Synthesis and Structural Characterization of 2'-Deoxy-2'-fluoro-l-uridine Nucleic Acids.
;
_citation.year                      2021 
_citation.database_id_CSD           ? 
_citation.pdbx_database_id_DOI      10.1021/acs.orglett.1c01498 
_citation.pdbx_database_id_PubMed   34142829 
_citation.unpublished_flag          ? 
# 
loop_
_citation_author.citation_id 
_citation_author.name 
_citation_author.ordinal 
_citation_author.identifier_ORCID 
primary 'Dantsu, Y.' 1 ?                   
primary 'Zhang, Y.'  2 ?                   
primary 'Zhang, W.'  3 0000-0003-4811-4384 
# 
_cell.angle_alpha                  90.00 
_cell.angle_alpha_esd              ? 
_cell.angle_beta                   90.00 
_cell.angle_beta_esd               ? 
_cell.angle_gamma                  120.00 
_cell.angle_gamma_esd              ? 
_cell.entry_id                     7KW4 
_cell.details                      ? 
_cell.formula_units_Z              ? 
_cell.length_a                     32.330 
_cell.length_a_esd                 ? 
_cell.length_b                     32.330 
_cell.length_b_esd                 ? 
_cell.length_c                     75.580 
_cell.length_c_esd                 ? 
_cell.volume                       ? 
_cell.volume_esd                   ? 
_cell.Z_PDB                        12 
_cell.reciprocal_angle_alpha       ? 
_cell.reciprocal_angle_beta        ? 
_cell.reciprocal_angle_gamma       ? 
_cell.reciprocal_angle_alpha_esd   ? 
_cell.reciprocal_angle_beta_esd    ? 
_cell.reciprocal_angle_gamma_esd   ? 
_cell.reciprocal_length_a          ? 
_cell.reciprocal_length_b          ? 
_cell.reciprocal_length_c          ? 
_cell.reciprocal_length_a_esd      ? 
_cell.reciprocal_length_b_esd      ? 
_cell.reciprocal_length_c_esd      ? 
_cell.pdbx_unique_axis             ? 
# 
_symmetry.entry_id                         7KW4 
_symmetry.cell_setting                     ? 
_symmetry.Int_Tables_number                179 
_symmetry.space_group_name_Hall            ? 
_symmetry.space_group_name_H-M             'P 65 2 2' 
_symmetry.pdbx_full_space_group_name_H-M   ? 
# 
loop_
_entity.id 
_entity.type 
_entity.src_method 
_entity.pdbx_description 
_entity.formula_weight 
_entity.pdbx_number_of_molecules 
_entity.pdbx_ec 
_entity.pdbx_mutation 
_entity.pdbx_fragment 
_entity.details 
1 polymer     man 
;DNA (5'-D(*(0DG)P*(0FU)P*(0DG)P*(0DT)P*(0DA)P*(0DC)P*(0DA)P*(0DC))-3')
;
2414.582 1  ? ? ? ? 
2 non-polymer syn 'MAGNESIUM ION'                                                          24.305   1  ? ? ? ? 
3 water       nat water                                                                    18.015   54 ? ? ? ? 
# 
_entity_poly.entity_id                      1 
_entity_poly.type                           polydeoxyribonucleotide 
_entity_poly.nstd_linkage                   no 
_entity_poly.nstd_monomer                   yes 
_entity_poly.pdbx_seq_one_letter_code       '(0DG)(XY7)(0DG)(0DT)(0DA)(0DC)(0DA)(0DC)' 
_entity_poly.pdbx_seq_one_letter_code_can   GXGTACAC 
_entity_poly.pdbx_strand_id                 A 
_entity_poly.pdbx_target_identifier         ? 
# 
loop_
_entity_poly_seq.entity_id 
_entity_poly_seq.num 
_entity_poly_seq.mon_id 
_entity_poly_seq.hetero 
1 1 0DG n 
1 2 XY7 n 
1 3 0DG n 
1 4 0DT n 
1 5 0DA n 
1 6 0DC n 
1 7 0DA n 
1 8 0DC n 
# 
_entity_src_gen.entity_id                          1 
_entity_src_gen.pdbx_src_id                        1 
_entity_src_gen.pdbx_alt_source_flag               sample 
_entity_src_gen.pdbx_seq_type                      'Biological sequence' 
_entity_src_gen.pdbx_beg_seq_num                   1 
_entity_src_gen.pdbx_end_seq_num                   8 
_entity_src_gen.gene_src_common_name               ? 
_entity_src_gen.gene_src_genus                     ? 
_entity_src_gen.pdbx_gene_src_gene                 ? 
_entity_src_gen.gene_src_species                   ? 
_entity_src_gen.gene_src_strain                    ? 
_entity_src_gen.gene_src_tissue                    ? 
_entity_src_gen.gene_src_tissue_fraction           ? 
_entity_src_gen.gene_src_details                   ? 
_entity_src_gen.pdbx_gene_src_fragment             ? 
_entity_src_gen.pdbx_gene_src_scientific_name      'synthetic construct' 
_entity_src_gen.pdbx_gene_src_ncbi_taxonomy_id     32630 
_entity_src_gen.pdbx_gene_src_variant              ? 
_entity_src_gen.pdbx_gene_src_cell_line            ? 
_entity_src_gen.pdbx_gene_src_atcc                 ? 
_entity_src_gen.pdbx_gene_src_organ                ? 
_entity_src_gen.pdbx_gene_src_organelle            ? 
_entity_src_gen.pdbx_gene_src_cell                 ? 
_entity_src_gen.pdbx_gene_src_cellular_location    ? 
_entity_src_gen.host_org_common_name               ? 
_entity_src_gen.pdbx_host_org_scientific_name      'synthetic construct' 
_entity_src_gen.pdbx_host_org_ncbi_taxonomy_id     32630 
_entity_src_gen.host_org_genus                     ? 
_entity_src_gen.pdbx_host_org_gene                 ? 
_entity_src_gen.pdbx_host_org_organ                ? 
_entity_src_gen.host_org_species                   ? 
_entity_src_gen.pdbx_host_org_tissue               ? 
_entity_src_gen.pdbx_host_org_tissue_fraction      ? 
_entity_src_gen.pdbx_host_org_strain               ? 
_entity_src_gen.pdbx_host_org_variant              ? 
_entity_src_gen.pdbx_host_org_cell_line            ? 
_entity_src_gen.pdbx_host_org_atcc                 ? 
_entity_src_gen.pdbx_host_org_culture_collection   ? 
_entity_src_gen.pdbx_host_org_cell                 ? 
_entity_src_gen.pdbx_host_org_organelle            ? 
_entity_src_gen.pdbx_host_org_cellular_location    ? 
_entity_src_gen.pdbx_host_org_vector_type          ? 
_entity_src_gen.pdbx_host_org_vector               ? 
_entity_src_gen.host_org_details                   ? 
_entity_src_gen.expression_system_id               ? 
_entity_src_gen.plasmid_name                       ? 
_entity_src_gen.plasmid_details                    ? 
_entity_src_gen.pdbx_description                   ? 
# 
_struct_ref.id                         1 
_struct_ref.db_name                    PDB 
_struct_ref.db_code                    7KW4 
_struct_ref.pdbx_db_accession          7KW4 
_struct_ref.pdbx_db_isoform            ? 
_struct_ref.entity_id                  1 
_struct_ref.pdbx_seq_one_letter_code   ? 
_struct_ref.pdbx_align_begin           1 
# 
_struct_ref_seq.align_id                      1 
_struct_ref_seq.ref_id                        1 
_struct_ref_seq.pdbx_PDB_id_code              7KW4 
_struct_ref_seq.pdbx_strand_id                A 
_struct_ref_seq.seq_align_beg                 1 
_struct_ref_seq.pdbx_seq_align_beg_ins_code   ? 
_struct_ref_seq.seq_align_end                 8 
_struct_ref_seq.pdbx_seq_align_end_ins_code   ? 
_struct_ref_seq.pdbx_db_accession             7KW4 
_struct_ref_seq.db_align_beg                  1 
_struct_ref_seq.pdbx_db_align_beg_ins_code    ? 
_struct_ref_seq.db_align_end                  8 
_struct_ref_seq.pdbx_db_align_end_ins_code    ? 
_struct_ref_seq.pdbx_auth_seq_align_beg       1 
_struct_ref_seq.pdbx_auth_seq_align_end       8 
# 
loop_
_chem_comp.id 
_chem_comp.type 
_chem_comp.mon_nstd_flag 
_chem_comp.name 
_chem_comp.pdbx_synonyms 
_chem_comp.formula 
_chem_comp.formula_weight 
0DA 'L-DNA linking' . 
;2'-DEOXY-L-RIBO-FURANOSYL ADENOSINE-5'-MONOPHOSPHATE
;
? 'C10 H14 N5 O6 P'  331.222 
0DC 'L-DNA linking' . 
;2'-DEOXY-L-RIBO-FURANOSYL CYTOSINE-5'-MONOPHOSPHATE
;
? 'C9 H14 N3 O7 P'   307.197 
0DG 'L-DNA linking' . 
;2'-DEOXY-L-RIBO-FURANOSYL GUANINE-5'-MONOPHOSPHATE
;
? 'C10 H14 N5 O7 P'  347.221 
0DT 'L-DNA linking' . 
;2'-DEOXY-L-RIBO-FURANOSYL THYMIDINE-5'-MONOPHOSPHATE
;
? 'C10 H15 N2 O8 P'  322.208 
HOH non-polymer     . WATER                                                                                            ? 'H2 O' 
18.015  
MG  non-polymer     . 'MAGNESIUM ION'                                                                                  ? 'Mg 2' 
24.305  
XY7 non-polymer     . '1-[2-deoxy-5-O-(dihydroxyphosphanyl)-2-fluoro-beta-L-ribofuranosyl]pyrimidine-2,4(1H,3H)-dione' ? 
'C9 H12 F N2 O7 P' 310.173 
# 
_exptl.absorpt_coefficient_mu     ? 
_exptl.absorpt_correction_T_max   ? 
_exptl.absorpt_correction_T_min   ? 
_exptl.absorpt_correction_type    ? 
_exptl.absorpt_process_details    ? 
_exptl.entry_id                   7KW4 
_exptl.crystals_number            1 
_exptl.details                    ? 
_exptl.method                     'X-RAY DIFFRACTION' 
_exptl.method_details             ? 
# 
_exptl_crystal.colour                      ? 
_exptl_crystal.density_diffrn              ? 
_exptl_crystal.density_Matthews            2.36 
_exptl_crystal.density_method              ? 
_exptl_crystal.density_percent_sol         64.74 
_exptl_crystal.description                 'rod-shaped crystal' 
_exptl_crystal.F_000                       ? 
_exptl_crystal.id                          1 
_exptl_crystal.preparation                 ? 
_exptl_crystal.size_max                    ? 
_exptl_crystal.size_mid                    ? 
_exptl_crystal.size_min                    ? 
_exptl_crystal.size_rad                    ? 
_exptl_crystal.colour_lustre               ? 
_exptl_crystal.colour_modifier             ? 
_exptl_crystal.colour_primary              ? 
_exptl_crystal.density_meas                ? 
_exptl_crystal.density_meas_esd            ? 
_exptl_crystal.density_meas_gt             ? 
_exptl_crystal.density_meas_lt             ? 
_exptl_crystal.density_meas_temp           ? 
_exptl_crystal.density_meas_temp_esd       ? 
_exptl_crystal.density_meas_temp_gt        ? 
_exptl_crystal.density_meas_temp_lt        ? 
_exptl_crystal.pdbx_crystal_image_url      ? 
_exptl_crystal.pdbx_crystal_image_format   ? 
_exptl_crystal.pdbx_mosaicity              ? 
_exptl_crystal.pdbx_mosaicity_esd          ? 
# 
_exptl_crystal_grow.apparatus       ? 
_exptl_crystal_grow.atmosphere      ? 
_exptl_crystal_grow.crystal_id      1 
_exptl_crystal_grow.details         ? 
_exptl_crystal_grow.method          'VAPOR DIFFUSION, SITTING DROP' 
_exptl_crystal_grow.method_ref      ? 
_exptl_crystal_grow.pH              5.5 
_exptl_crystal_grow.pressure        ? 
_exptl_crystal_grow.pressure_esd    ? 
_exptl_crystal_grow.seeding         ? 
_exptl_crystal_grow.seeding_ref     ? 
_exptl_crystal_grow.temp            291 
_exptl_crystal_grow.temp_details    ? 
_exptl_crystal_grow.temp_esd        ? 
_exptl_crystal_grow.time            ? 
_exptl_crystal_grow.pdbx_details    
'0.08 M NaCl, 0.02 M MgCl2, 0.04 M Sodium Cacodylate trihydrate pH 5.5, 35% (v/v) MPD, 0.002 M hexammine cobalt(III) chloride' 
_exptl_crystal_grow.pdbx_pH_range   ? 
# 
_diffrn.ambient_environment              ? 
_diffrn.ambient_temp                     99 
_diffrn.ambient_temp_details             ? 
_diffrn.ambient_temp_esd                 ? 
_diffrn.crystal_id                       1 
_diffrn.crystal_support                  ? 
_diffrn.crystal_treatment                ? 
_diffrn.details                          ? 
_diffrn.id                               1 
_diffrn.ambient_pressure                 ? 
_diffrn.ambient_pressure_esd             ? 
_diffrn.ambient_pressure_gt              ? 
_diffrn.ambient_pressure_lt              ? 
_diffrn.ambient_temp_gt                  ? 
_diffrn.ambient_temp_lt                  ? 
_diffrn.pdbx_serial_crystal_experiment   N 
# 
_diffrn_detector.details                      ? 
_diffrn_detector.detector                     CCD 
_diffrn_detector.diffrn_id                    1 
_diffrn_detector.type                         'MARMOSAIC 300 mm CCD' 
_diffrn_detector.area_resol_mean              ? 
_diffrn_detector.dtime                        ? 
_diffrn_detector.pdbx_frames_total            ? 
_diffrn_detector.pdbx_collection_time_total   ? 
_diffrn_detector.pdbx_collection_date         2020-10-01 
_diffrn_detector.pdbx_frequency               ? 
# 
_diffrn_radiation.collimation                      ? 
_diffrn_radiation.diffrn_id                        1 
_diffrn_radiation.filter_edge                      ? 
_diffrn_radiation.inhomogeneity                    ? 
_diffrn_radiation.monochromator                    ? 
_diffrn_radiation.polarisn_norm                    ? 
_diffrn_radiation.polarisn_ratio                   ? 
_diffrn_radiation.probe                            ? 
_diffrn_radiation.type                             ? 
_diffrn_radiation.xray_symbol                      ? 
_diffrn_radiation.wavelength_id                    1 
_diffrn_radiation.pdbx_monochromatic_or_laue_m_l   M 
_diffrn_radiation.pdbx_wavelength_list             ? 
_diffrn_radiation.pdbx_wavelength                  ? 
_diffrn_radiation.pdbx_diffrn_protocol             'SINGLE WAVELENGTH' 
_diffrn_radiation.pdbx_analyzer                    ? 
_diffrn_radiation.pdbx_scattering_type             x-ray 
# 
_diffrn_radiation_wavelength.id           1 
_diffrn_radiation_wavelength.wavelength   1 
_diffrn_radiation_wavelength.wt           1.0 
# 
_diffrn_source.current                     ? 
_diffrn_source.details                     ? 
_diffrn_source.diffrn_id                   1 
_diffrn_source.power                       ? 
_diffrn_source.size                        ? 
_diffrn_source.source                      SYNCHROTRON 
_diffrn_source.target                      ? 
_diffrn_source.type                        'APS BEAMLINE 21-ID-D' 
_diffrn_source.voltage                     ? 
_diffrn_source.take-off_angle              ? 
_diffrn_source.pdbx_wavelength_list        1 
_diffrn_source.pdbx_wavelength             ? 
_diffrn_source.pdbx_synchrotron_beamline   21-ID-D 
_diffrn_source.pdbx_synchrotron_site       APS 
# 
_reflns.B_iso_Wilson_estimate            9.810 
_reflns.entry_id                         7KW4 
_reflns.data_reduction_details           ? 
_reflns.data_reduction_method            ? 
_reflns.d_resolution_high                1.03 
_reflns.d_resolution_low                 28 
_reflns.details                          ? 
_reflns.limit_h_max                      ? 
_reflns.limit_h_min                      ? 
_reflns.limit_k_max                      ? 
_reflns.limit_k_min                      ? 
_reflns.limit_l_max                      ? 
_reflns.limit_l_min                      ? 
_reflns.number_all                       ? 
_reflns.number_obs                       12016 
_reflns.observed_criterion               ? 
_reflns.observed_criterion_F_max         ? 
_reflns.observed_criterion_F_min         ? 
_reflns.observed_criterion_I_max         ? 
_reflns.observed_criterion_I_min         ? 
_reflns.observed_criterion_sigma_F       ? 
_reflns.observed_criterion_sigma_I       ? 
_reflns.percent_possible_obs             97.8 
_reflns.R_free_details                   ? 
_reflns.Rmerge_F_all                     ? 
_reflns.Rmerge_F_obs                     ? 
_reflns.Friedel_coverage                 ? 
_reflns.number_gt                        ? 
_reflns.threshold_expression             ? 
_reflns.pdbx_redundancy                  29.4 
_reflns.pdbx_Rmerge_I_obs                0.141 
_reflns.pdbx_Rmerge_I_all                ? 
_reflns.pdbx_Rsym_value                  ? 
_reflns.pdbx_netI_over_av_sigmaI         ? 
_reflns.pdbx_netI_over_sigmaI            19.9 
_reflns.pdbx_res_netI_over_av_sigmaI_2   ? 
_reflns.pdbx_res_netI_over_sigmaI_2      ? 
_reflns.pdbx_chi_squared                 ? 
_reflns.pdbx_scaling_rejects             ? 
_reflns.pdbx_d_res_high_opt              ? 
_reflns.pdbx_d_res_low_opt               ? 
_reflns.pdbx_d_res_opt_method            ? 
_reflns.phase_calculation_details        ? 
_reflns.pdbx_Rrim_I_all                  0.143 
_reflns.pdbx_Rpim_I_all                  0.025 
_reflns.pdbx_d_opt                       ? 
_reflns.pdbx_number_measured_all         ? 
_reflns.pdbx_diffrn_id                   1 
_reflns.pdbx_ordinal                     1 
_reflns.pdbx_CC_half                     0.995 
_reflns.pdbx_CC_star                     ? 
_reflns.pdbx_R_split                     ? 
# 
_reflns_shell.d_res_high                  1.03 
_reflns_shell.d_res_low                   1.05 
_reflns_shell.meanI_over_sigI_all         ? 
_reflns_shell.meanI_over_sigI_obs         1.7 
_reflns_shell.number_measured_all         ? 
_reflns_shell.number_measured_obs         ? 
_reflns_shell.number_possible             ? 
_reflns_shell.number_unique_all           ? 
_reflns_shell.number_unique_obs           398 
_reflns_shell.percent_possible_all        65.9 
_reflns_shell.percent_possible_obs        ? 
_reflns_shell.Rmerge_F_all                ? 
_reflns_shell.Rmerge_F_obs                ? 
_reflns_shell.Rmerge_I_all                ? 
_reflns_shell.Rmerge_I_obs                1.223 
_reflns_shell.meanI_over_sigI_gt          ? 
_reflns_shell.meanI_over_uI_all           ? 
_reflns_shell.meanI_over_uI_gt            ? 
_reflns_shell.number_measured_gt          ? 
_reflns_shell.number_unique_gt            ? 
_reflns_shell.percent_possible_gt         ? 
_reflns_shell.Rmerge_F_gt                 ? 
_reflns_shell.Rmerge_I_gt                 ? 
_reflns_shell.pdbx_redundancy             5.5 
_reflns_shell.pdbx_Rsym_value             ? 
_reflns_shell.pdbx_chi_squared            ? 
_reflns_shell.pdbx_netI_over_sigmaI_all   ? 
_reflns_shell.pdbx_netI_over_sigmaI_obs   ? 
_reflns_shell.pdbx_Rrim_I_all             ? 
_reflns_shell.pdbx_Rpim_I_all             0.562 
_reflns_shell.pdbx_rejects                ? 
_reflns_shell.pdbx_ordinal                1 
_reflns_shell.pdbx_diffrn_id              1 
_reflns_shell.pdbx_CC_half                0.346 
_reflns_shell.pdbx_CC_star                ? 
_reflns_shell.pdbx_R_split                ? 
# 
_refine.aniso_B[1][1]                            ? 
_refine.aniso_B[1][2]                            ? 
_refine.aniso_B[1][3]                            ? 
_refine.aniso_B[2][2]                            ? 
_refine.aniso_B[2][3]                            ? 
_refine.aniso_B[3][3]                            ? 
_refine.B_iso_max                                ? 
_refine.B_iso_mean                               ? 
_refine.B_iso_min                                ? 
_refine.correlation_coeff_Fo_to_Fc               ? 
_refine.correlation_coeff_Fo_to_Fc_free          ? 
_refine.details                                  ? 
_refine.diff_density_max                         ? 
_refine.diff_density_max_esd                     ? 
_refine.diff_density_min                         ? 
_refine.diff_density_min_esd                     ? 
_refine.diff_density_rms                         ? 
_refine.diff_density_rms_esd                     ? 
_refine.entry_id                                 7KW4 
_refine.pdbx_refine_id                           'X-RAY DIFFRACTION' 
_refine.ls_abs_structure_details                 ? 
_refine.ls_abs_structure_Flack                   ? 
_refine.ls_abs_structure_Flack_esd               ? 
_refine.ls_abs_structure_Rogers                  ? 
_refine.ls_abs_structure_Rogers_esd              ? 
_refine.ls_d_res_high                            1.030 
_refine.ls_d_res_low                             22.497 
_refine.ls_extinction_coef                       ? 
_refine.ls_extinction_coef_esd                   ? 
_refine.ls_extinction_expression                 ? 
_refine.ls_extinction_method                     ? 
_refine.ls_goodness_of_fit_all                   ? 
_refine.ls_goodness_of_fit_all_esd               ? 
_refine.ls_goodness_of_fit_obs                   ? 
_refine.ls_goodness_of_fit_obs_esd               ? 
_refine.ls_hydrogen_treatment                    ? 
_refine.ls_matrix_type                           ? 
_refine.ls_number_constraints                    ? 
_refine.ls_number_parameters                     ? 
_refine.ls_number_reflns_all                     ? 
_refine.ls_number_reflns_obs                     11951 
_refine.ls_number_reflns_R_free                  546 
_refine.ls_number_reflns_R_work                  ? 
_refine.ls_number_restraints                     ? 
_refine.ls_percent_reflns_obs                    97.49 
_refine.ls_percent_reflns_R_free                 4.57 
_refine.ls_R_factor_all                          ? 
_refine.ls_R_factor_obs                          0.1668 
_refine.ls_R_factor_R_free                       0.1738 
_refine.ls_R_factor_R_free_error                 ? 
_refine.ls_R_factor_R_free_error_details         ? 
_refine.ls_R_factor_R_work                       0.1665 
_refine.ls_R_Fsqd_factor_obs                     ? 
_refine.ls_R_I_factor_obs                        ? 
_refine.ls_redundancy_reflns_all                 ? 
_refine.ls_redundancy_reflns_obs                 ? 
_refine.ls_restrained_S_all                      ? 
_refine.ls_restrained_S_obs                      ? 
_refine.ls_shift_over_esd_max                    ? 
_refine.ls_shift_over_esd_mean                   ? 
_refine.ls_structure_factor_coef                 ? 
_refine.ls_weighting_details                     ? 
_refine.ls_weighting_scheme                      ? 
_refine.ls_wR_factor_all                         ? 
_refine.ls_wR_factor_obs                         ? 
_refine.ls_wR_factor_R_free                      ? 
_refine.ls_wR_factor_R_work                      ? 
_refine.occupancy_max                            ? 
_refine.occupancy_min                            ? 
_refine.solvent_model_details                    'FLAT BULK SOLVENT MODEL' 
_refine.solvent_model_param_bsol                 ? 
_refine.solvent_model_param_ksol                 ? 
_refine.pdbx_R_complete                          ? 
_refine.ls_R_factor_gt                           ? 
_refine.ls_goodness_of_fit_gt                    ? 
_refine.ls_goodness_of_fit_ref                   ? 
_refine.ls_shift_over_su_max                     ? 
_refine.ls_shift_over_su_max_lt                  ? 
_refine.ls_shift_over_su_mean                    ? 
_refine.ls_shift_over_su_mean_lt                 ? 
_refine.pdbx_ls_sigma_I                          ? 
_refine.pdbx_ls_sigma_F                          1.36 
_refine.pdbx_ls_sigma_Fsqd                       ? 
_refine.pdbx_data_cutoff_high_absF               ? 
_refine.pdbx_data_cutoff_high_rms_absF           ? 
_refine.pdbx_data_cutoff_low_absF                ? 
_refine.pdbx_isotropic_thermal_model             ? 
_refine.pdbx_ls_cross_valid_method               THROUGHOUT 
_refine.pdbx_method_to_determine_struct          'MOLECULAR REPLACEMENT' 
_refine.pdbx_starting_model                      1d79 
_refine.pdbx_stereochemistry_target_values       ML 
_refine.pdbx_R_Free_selection_details            RANDOM 
_refine.pdbx_stereochem_target_val_spec_case     ? 
_refine.pdbx_overall_ESU_R                       ? 
_refine.pdbx_overall_ESU_R_Free                  ? 
_refine.pdbx_solvent_vdw_probe_radii             1.11 
_refine.pdbx_solvent_ion_probe_radii             ? 
_refine.pdbx_solvent_shrinkage_radii             0.90 
_refine.pdbx_real_space_R                        ? 
_refine.pdbx_density_correlation                 ? 
_refine.pdbx_pd_number_of_powder_patterns        ? 
_refine.pdbx_pd_number_of_points                 ? 
_refine.pdbx_pd_meas_number_of_points            ? 
_refine.pdbx_pd_proc_ls_prof_R_factor            ? 
_refine.pdbx_pd_proc_ls_prof_wR_factor           ? 
_refine.pdbx_pd_Marquardt_correlation_coeff      ? 
_refine.pdbx_pd_Fsqrd_R_factor                   ? 
_refine.pdbx_pd_ls_matrix_band_width             ? 
_refine.pdbx_overall_phase_error                 23.64 
_refine.pdbx_overall_SU_R_free_Cruickshank_DPI   ? 
_refine.pdbx_overall_SU_R_free_Blow_DPI          ? 
_refine.pdbx_overall_SU_R_Blow_DPI               ? 
_refine.pdbx_TLS_residual_ADP_flag               ? 
_refine.pdbx_diffrn_id                           1 
_refine.overall_SU_B                             ? 
_refine.overall_SU_ML                            0.10 
_refine.overall_SU_R_Cruickshank_DPI             ? 
_refine.overall_SU_R_free                        ? 
_refine.overall_FOM_free_R_set                   ? 
_refine.overall_FOM_work_R_set                   ? 
_refine.pdbx_average_fsc_overall                 ? 
_refine.pdbx_average_fsc_work                    ? 
_refine.pdbx_average_fsc_free                    ? 
# 
_refine_hist.pdbx_refine_id                   'X-RAY DIFFRACTION' 
_refine_hist.cycle_id                         LAST 
_refine_hist.details                          ? 
_refine_hist.d_res_high                       1.030 
_refine_hist.d_res_low                        22.497 
_refine_hist.number_atoms_solvent             54 
_refine_hist.number_atoms_total               216 
_refine_hist.number_reflns_all                ? 
_refine_hist.number_reflns_obs                ? 
_refine_hist.number_reflns_R_free             ? 
_refine_hist.number_reflns_R_work             ? 
_refine_hist.R_factor_all                     ? 
_refine_hist.R_factor_obs                     ? 
_refine_hist.R_factor_R_free                  ? 
_refine_hist.R_factor_R_work                  ? 
_refine_hist.pdbx_number_residues_total       ? 
_refine_hist.pdbx_B_iso_mean_ligand           ? 
_refine_hist.pdbx_B_iso_mean_solvent          ? 
_refine_hist.pdbx_number_atoms_protein        0 
_refine_hist.pdbx_number_atoms_nucleic_acid   161 
_refine_hist.pdbx_number_atoms_ligand         1 
_refine_hist.pdbx_number_atoms_lipid          ? 
_refine_hist.pdbx_number_atoms_carb           ? 
_refine_hist.pdbx_pseudo_atom_details         ? 
# 
loop_
_refine_ls_restr.pdbx_refine_id 
_refine_ls_restr.criterion 
_refine_ls_restr.dev_ideal 
_refine_ls_restr.dev_ideal_target 
_refine_ls_restr.number 
_refine_ls_restr.rejects 
_refine_ls_restr.type 
_refine_ls_restr.weight 
_refine_ls_restr.pdbx_restraint_function 
'X-RAY DIFFRACTION' ? 0.051  ? 180 ? f_bond_d           ? ? 
'X-RAY DIFFRACTION' ? 4.650  ? 276 ? f_angle_d          ? ? 
'X-RAY DIFFRACTION' ? 29.949 ? 86  ? f_dihedral_angle_d ? ? 
'X-RAY DIFFRACTION' ? 0.436  ? 30  ? f_chiral_restr     ? ? 
'X-RAY DIFFRACTION' ? 0.054  ? 8   ? f_plane_restr      ? ? 
# 
loop_
_refine_ls_shell.pdbx_refine_id 
_refine_ls_shell.d_res_high 
_refine_ls_shell.d_res_low 
_refine_ls_shell.number_reflns_all 
_refine_ls_shell.number_reflns_obs 
_refine_ls_shell.number_reflns_R_free 
_refine_ls_shell.number_reflns_R_work 
_refine_ls_shell.percent_reflns_obs 
_refine_ls_shell.percent_reflns_R_free 
_refine_ls_shell.R_factor_all 
_refine_ls_shell.R_factor_obs 
_refine_ls_shell.R_factor_R_free 
_refine_ls_shell.R_factor_R_free_error 
_refine_ls_shell.R_factor_R_work 
_refine_ls_shell.redundancy_reflns_all 
_refine_ls_shell.redundancy_reflns_obs 
_refine_ls_shell.wR_factor_all 
_refine_ls_shell.wR_factor_obs 
_refine_ls_shell.wR_factor_R_free 
_refine_ls_shell.wR_factor_R_work 
_refine_ls_shell.pdbx_R_complete 
_refine_ls_shell.pdbx_total_number_of_bins_used 
_refine_ls_shell.pdbx_phase_error 
_refine_ls_shell.pdbx_fsc_work 
_refine_ls_shell.pdbx_fsc_free 
'X-RAY DIFFRACTION' 1.0301 1.1338 . . 129 2529 90.00  . . . 0.2407 . 0.1991 . . . . . . . . . . . 
'X-RAY DIFFRACTION' 1.1338 1.2978 . . 130 2879 100.00 . . . 0.1458 . 0.1430 . . . . . . . . . . . 
'X-RAY DIFFRACTION' 1.2978 1.6351 . . 143 2891 100.00 . . . 0.1489 . 0.1648 . . . . . . . . . . . 
'X-RAY DIFFRACTION' 1.6351 22.497 . . 144 3106 100.00 . . . 0.1820 . 0.1681 . . . . . . . . . . . 
# 
_struct.entry_id                     7KW4 
_struct.title                        
;L-DNA containing 2'-fluoro modification
;
_struct.pdbx_model_details           ? 
_struct.pdbx_formula_weight          ? 
_struct.pdbx_formula_weight_method   ? 
_struct.pdbx_model_type_details      ? 
_struct.pdbx_CASP_flag               N 
# 
_struct_keywords.entry_id        7KW4 
_struct_keywords.text            'L-DNA, Fluoro modification, DNA' 
_struct_keywords.pdbx_keywords   DNA 
# 
loop_
_struct_asym.id 
_struct_asym.pdbx_blank_PDB_chainid_flag 
_struct_asym.pdbx_modified 
_struct_asym.entity_id 
_struct_asym.details 
A N N 1 ? 
B N N 2 ? 
C N N 3 ? 
# 
loop_
_struct_conn.id 
_struct_conn.conn_type_id 
_struct_conn.pdbx_leaving_atom_flag 
_struct_conn.pdbx_PDB_id 
_struct_conn.ptnr1_label_asym_id 
_struct_conn.ptnr1_label_comp_id 
_struct_conn.ptnr1_label_seq_id 
_struct_conn.ptnr1_label_atom_id 
_struct_conn.pdbx_ptnr1_label_alt_id 
_struct_conn.pdbx_ptnr1_PDB_ins_code 
_struct_conn.pdbx_ptnr1_standard_comp_id 
_struct_conn.ptnr1_symmetry 
_struct_conn.ptnr2_label_asym_id 
_struct_conn.ptnr2_label_comp_id 
_struct_conn.ptnr2_label_seq_id 
_struct_conn.ptnr2_label_atom_id 
_struct_conn.pdbx_ptnr2_label_alt_id 
_struct_conn.pdbx_ptnr2_PDB_ins_code 
_struct_conn.ptnr1_auth_asym_id 
_struct_conn.ptnr1_auth_comp_id 
_struct_conn.ptnr1_auth_seq_id 
_struct_conn.ptnr2_auth_asym_id 
_struct_conn.ptnr2_auth_comp_id 
_struct_conn.ptnr2_auth_seq_id 
_struct_conn.ptnr2_symmetry 
_struct_conn.pdbx_ptnr3_label_atom_id 
_struct_conn.pdbx_ptnr3_label_seq_id 
_struct_conn.pdbx_ptnr3_label_comp_id 
_struct_conn.pdbx_ptnr3_label_asym_id 
_struct_conn.pdbx_ptnr3_label_alt_id 
_struct_conn.pdbx_ptnr3_PDB_ins_code 
_struct_conn.details 
_struct_conn.pdbx_dist_value 
_struct_conn.pdbx_value_order 
_struct_conn.pdbx_role 
covale1  covale one  ? A 0DG 1 "O3'" ? ? ? 1_555 A XY7 2 P  ? ? A 0DG 1   A XY7 2   1_555  ? ? ? ? ? ? ?            1.577 ? ? 
covale2  covale one  ? A XY7 2 "O3'" ? ? ? 1_555 A 0DG 3 P  ? ? A XY7 2   A 0DG 3   1_555  ? ? ? ? ? ? ?            1.607 ? ? 
covale3  covale both ? A 0DG 3 "O3'" ? ? ? 1_555 A 0DT 4 P  ? ? A 0DG 3   A 0DT 4   1_555  ? ? ? ? ? ? ?            1.588 ? ? 
covale4  covale both ? A 0DT 4 "O3'" ? ? ? 1_555 A 0DA 5 P  ? ? A 0DT 4   A 0DA 5   1_555  ? ? ? ? ? ? ?            1.600 ? ? 
covale5  covale both ? A 0DA 5 "O3'" ? ? ? 1_555 A 0DC 6 P  ? ? A 0DA 5   A 0DC 6   1_555  ? ? ? ? ? ? ?            1.608 ? ? 
covale6  covale both ? A 0DC 6 "O3'" ? ? ? 1_555 A 0DA 7 P  ? ? A 0DC 6   A 0DA 7   1_555  ? ? ? ? ? ? ?            1.576 ? ? 
covale7  covale both ? A 0DA 7 "O3'" ? ? ? 1_555 A 0DC 8 P  ? ? A 0DA 7   A 0DC 8   1_555  ? ? ? ? ? ? ?            1.633 ? ? 
metalc1  metalc ?    ? B MG  . MG    ? ? ? 1_555 C HOH . O  ? ? A MG  101 A HOH 213 10_555 ? ? ? ? ? ? ?            2.138 ? ? 
metalc2  metalc ?    ? B MG  . MG    ? ? ? 1_555 C HOH . O  ? ? A MG  101 A HOH 215 1_555  ? ? ? ? ? ? ?            2.265 ? ? 
metalc3  metalc ?    ? B MG  . MG    ? ? ? 1_555 C HOH . O  ? ? A MG  101 A HOH 215 10_555 ? ? ? ? ? ? ?            1.948 ? ? 
metalc4  metalc ?    ? B MG  . MG    ? ? ? 1_555 C HOH . O  ? ? A MG  101 A HOH 218 1_555  ? ? ? ? ? ? ?            2.206 ? ? 
metalc5  metalc ?    ? B MG  . MG    ? ? ? 1_555 C HOH . O  ? ? A MG  101 A HOH 229 10_555 ? ? ? ? ? ? ?            2.051 ? ? 
metalc6  metalc ?    ? B MG  . MG    ? ? ? 1_555 C HOH . O  ? ? A MG  101 A HOH 231 1_555  ? ? ? ? ? ? ?            2.055 ? ? 
metalc7  metalc ?    ? B MG  . MG    ? ? ? 1_555 C HOH . O  ? ? A MG  101 A HOH 231 10_555 ? ? ? ? ? ? ?            2.238 ? ? 
hydrog1  hydrog ?    ? A 0DG 1 N1    ? ? ? 1_555 A 0DC 8 N3 ? ? A 0DG 1   A 0DC 8   10_555 ? ? ? ? ? ? WATSON-CRICK ?     ? ? 
hydrog2  hydrog ?    ? A 0DG 1 N2    ? ? ? 1_555 A 0DC 8 O2 ? ? A 0DG 1   A 0DC 8   10_555 ? ? ? ? ? ? WATSON-CRICK ?     ? ? 
hydrog3  hydrog ?    ? A 0DG 1 O6    ? ? ? 1_555 A 0DC 8 N4 ? ? A 0DG 1   A 0DC 8   10_555 ? ? ? ? ? ? WATSON-CRICK ?     ? ? 
hydrog4  hydrog ?    ? A 0DG 3 N1    ? ? ? 1_555 A 0DC 6 N3 ? ? A 0DG 3   A 0DC 6   10_555 ? ? ? ? ? ? WATSON-CRICK ?     ? ? 
hydrog5  hydrog ?    ? A 0DG 3 N2    ? ? ? 1_555 A 0DC 6 O2 ? ? A 0DG 3   A 0DC 6   10_555 ? ? ? ? ? ? WATSON-CRICK ?     ? ? 
hydrog6  hydrog ?    ? A 0DG 3 O6    ? ? ? 1_555 A 0DC 6 N4 ? ? A 0DG 3   A 0DC 6   10_555 ? ? ? ? ? ? WATSON-CRICK ?     ? ? 
hydrog7  hydrog ?    ? A 0DC 6 N3    ? ? ? 1_555 A 0DG 3 N1 ? ? A 0DC 6   A 0DG 3   10_555 ? ? ? ? ? ? WATSON-CRICK ?     ? ? 
hydrog8  hydrog ?    ? A 0DC 6 N4    ? ? ? 1_555 A 0DG 3 O6 ? ? A 0DC 6   A 0DG 3   10_555 ? ? ? ? ? ? WATSON-CRICK ?     ? ? 
hydrog9  hydrog ?    ? A 0DC 6 O2    ? ? ? 1_555 A 0DG 3 N2 ? ? A 0DC 6   A 0DG 3   10_555 ? ? ? ? ? ? WATSON-CRICK ?     ? ? 
hydrog10 hydrog ?    ? A 0DC 8 N3    ? ? ? 1_555 A 0DG 1 N1 ? ? A 0DC 8   A 0DG 1   10_555 ? ? ? ? ? ? WATSON-CRICK ?     ? ? 
hydrog11 hydrog ?    ? A 0DC 8 N4    ? ? ? 1_555 A 0DG 1 O6 ? ? A 0DC 8   A 0DG 1   10_555 ? ? ? ? ? ? WATSON-CRICK ?     ? ? 
hydrog12 hydrog ?    ? A 0DC 8 O2    ? ? ? 1_555 A 0DG 1 N2 ? ? A 0DC 8   A 0DG 1   10_555 ? ? ? ? ? ? WATSON-CRICK ?     ? ? 
# 
loop_
_struct_conn_type.id 
_struct_conn_type.criteria 
_struct_conn_type.reference 
covale ? ? 
metalc ? ? 
hydrog ? ? 
# 
_atom_sites.entry_id                    7KW4 
_atom_sites.Cartn_transf_matrix[1][1]   ? 
_atom_sites.Cartn_transf_matrix[1][2]   ? 
_atom_sites.Cartn_transf_matrix[1][3]   ? 
_atom_sites.Cartn_transf_matrix[2][1]   ? 
_atom_sites.Cartn_transf_matrix[2][2]   ? 
_atom_sites.Cartn_transf_matrix[2][3]   ? 
_atom_sites.Cartn_transf_matrix[3][1]   ? 
_atom_sites.Cartn_transf_matrix[3][2]   ? 
_atom_sites.Cartn_transf_matrix[3][3]   ? 
_atom_sites.Cartn_transf_vector[1]      ? 
_atom_sites.Cartn_transf_vector[2]      ? 
_atom_sites.Cartn_transf_vector[3]      ? 
_atom_sites.fract_transf_matrix[1][1]   -0.00676118 
_atom_sites.fract_transf_matrix[1][2]   0.00362373 
_atom_sites.fract_transf_matrix[1][3]   -0.03488252 
_atom_sites.fract_transf_matrix[2][1]   0.02654398 
_atom_sites.fract_transf_matrix[2][2]   0.00766765 
_atom_sites.fract_transf_matrix[2][3]   -0.02263310 
_atom_sites.fract_transf_matrix[3][1]   0.00222108 
_atom_sites.fract_transf_matrix[3][2]   -0.01292219 
_atom_sites.fract_transf_matrix[3][3]   -0.00177291 
_atom_sites.fract_transf_vector[1]      -0.407513 
_atom_sites.fract_transf_vector[2]      0.475354 
_atom_sites.fract_transf_vector[3]      0.101294 
_atom_sites.solution_primary            ? 
_atom_sites.solution_secondary          ? 
_atom_sites.solution_hydrogens          ? 
_atom_sites.special_details             ? 
# 
loop_
_atom_type.symbol 
C  
F  
MG 
N  
O  
P  
# 
loop_
_atom_site.group_PDB 
_atom_site.id 
_atom_site.type_symbol 
_atom_site.label_atom_id 
_atom_site.label_alt_id 
_atom_site.label_comp_id 
_atom_site.label_asym_id 
_atom_site.label_entity_id 
_atom_site.label_seq_id 
_atom_site.pdbx_PDB_ins_code 
_atom_site.Cartn_x 
_atom_site.Cartn_y 
_atom_site.Cartn_z 
_atom_site.occupancy 
_atom_site.B_iso_or_equiv 
_atom_site.pdbx_formal_charge 
_atom_site.auth_seq_id 
_atom_site.auth_comp_id 
_atom_site.auth_asym_id 
_atom_site.auth_atom_id 
_atom_site.pdbx_PDB_model_num 
HETATM 1   O  "O5'" . 0DG A 1 1 ? -10.763 -3.804  2.740   1.00 12.92 ? 1   0DG A "O5'" 1 
HETATM 2   C  "C5'" . 0DG A 1 1 ? -11.848 -4.423  2.081   1.00 11.83 ? 1   0DG A "C5'" 1 
HETATM 3   C  "C4'" . 0DG A 1 1 ? -11.454 -5.849  1.690   1.00 9.82  ? 1   0DG A "C4'" 1 
HETATM 4   O  "O4'" . 0DG A 1 1 ? -11.218 -6.630  2.887   1.00 9.67  ? 1   0DG A "O4'" 1 
HETATM 5   C  "C3'" . 0DG A 1 1 ? -10.155 -5.987  0.867   1.00 9.69  ? 1   0DG A "C3'" 1 
HETATM 6   O  "O3'" . 0DG A 1 1 ? -10.488 -5.855  -0.526  1.00 9.47  ? 1   0DG A "O3'" 1 
HETATM 7   C  "C2'" . 0DG A 1 1 ? -9.697  -7.389  1.202   1.00 9.78  ? 1   0DG A "C2'" 1 
HETATM 8   C  "C1'" . 0DG A 1 1 ? -10.041 -7.434  2.655   1.00 9.01  ? 1   0DG A "C1'" 1 
HETATM 9   N  N9    . 0DG A 1 1 ? -9.030  -6.917  3.580   1.00 8.71  ? 1   0DG A N9    1 
HETATM 10  C  C8    . 0DG A 1 1 ? -9.187  -5.943  4.525   1.00 9.37  ? 1   0DG A C8    1 
HETATM 11  N  N7    . 0DG A 1 1 ? -8.072  -5.752  5.228   1.00 9.63  ? 1   0DG A N7    1 
HETATM 12  C  C5    . 0DG A 1 1 ? -7.184  -6.680  4.724   1.00 8.77  ? 1   0DG A C5    1 
HETATM 13  C  C6    . 0DG A 1 1 ? -5.796  -6.933  5.149   1.00 8.94  ? 1   0DG A C6    1 
HETATM 14  O  O6    . 0DG A 1 1 ? -5.163  -6.401  6.053   1.00 10.36 ? 1   0DG A O6    1 
HETATM 15  N  N1    . 0DG A 1 1 ? -5.214  -7.926  4.374   1.00 8.95  ? 1   0DG A N1    1 
HETATM 16  C  C2    . 0DG A 1 1 ? -5.923  -8.602  3.374   1.00 8.76  ? 1   0DG A C2    1 
HETATM 17  N  N2    . 0DG A 1 1 ? -5.193  -9.533  2.732   1.00 9.25  ? 1   0DG A N2    1 
HETATM 18  N  N3    . 0DG A 1 1 ? -7.185  -8.381  2.987   1.00 8.51  ? 1   0DG A N3    1 
HETATM 19  C  C4    . 0DG A 1 1 ? -7.740  -7.393  3.724   1.00 8.22  ? 1   0DG A C4    1 
HETATM 20  C  C4    . XY7 A 1 2 ? -4.449  -5.353  2.399   1.00 9.00  ? 2   XY7 A C4    1 
HETATM 21  N  N3    . XY7 A 1 2 ? -3.485  -6.240  1.954   1.00 8.68  ? 2   XY7 A N3    1 
HETATM 22  C  C2    . XY7 A 1 2 ? -3.697  -7.131  0.923   1.00 8.67  ? 2   XY7 A C2    1 
HETATM 23  N  N1    . XY7 A 1 2 ? -4.919  -7.138  0.309   1.00 8.82  ? 2   XY7 A N1    1 
HETATM 24  C  C6    . XY7 A 1 2 ? -5.934  -6.257  0.745   1.00 8.89  ? 2   XY7 A C6    1 
HETATM 25  C  C5    . XY7 A 1 2 ? -5.711  -5.370  1.763   1.00 8.88  ? 2   XY7 A C5    1 
HETATM 26  O  O4    . XY7 A 1 2 ? -4.178  -4.617  3.328   1.00 9.93  ? 2   XY7 A O4    1 
HETATM 27  O  O2    . XY7 A 1 2 ? -2.805  -7.851  0.505   1.00 9.33  ? 2   XY7 A O2    1 
HETATM 28  C  "C1'" . XY7 A 1 2 ? -5.144  -8.135  -0.745  1.00 9.44  ? 2   XY7 A "C1'" 1 
HETATM 29  O  "O4'" . XY7 A 1 2 ? -6.572  -8.287  -0.937  1.00 10.01 ? 2   XY7 A "O4'" 1 
HETATM 30  C  "C2'" . XY7 A 1 2 ? -4.569  -7.718  -2.049  1.00 10.54 ? 2   XY7 A "C2'" 1 
HETATM 31  F  "F2'" . XY7 A 1 2 ? -4.291  -8.813  -2.785  1.00 11.72 ? 2   XY7 A "F2'" 1 
HETATM 32  C  "C3'" . XY7 A 1 2 ? -5.737  -6.907  -2.642  1.00 10.37 ? 2   XY7 A "C3'" 1 
HETATM 33  O  "O3'" . XY7 A 1 2 ? -5.613  -6.687  -4.046  1.00 10.64 ? 2   XY7 A "O3'" 1 
HETATM 34  C  "C4'" . XY7 A 1 2 ? -6.884  -7.876  -2.298  1.00 10.32 ? 2   XY7 A "C4'" 1 
HETATM 35  C  "C5'" . XY7 A 1 2 ? -8.282  -7.229  -2.338  1.00 10.64 ? 2   XY7 A "C5'" 1 
HETATM 36  O  "O5'" . XY7 A 1 2 ? -8.249  -6.008  -1.608  1.00 10.40 ? 2   XY7 A "O5'" 1 
HETATM 37  P  P     . XY7 A 1 2 ? -9.532  -5.093  -1.521  1.00 10.57 ? 2   XY7 A P     1 
HETATM 38  O  OP1   . XY7 A 1 2 ? -9.063  -3.836  -0.905  1.00 11.41 ? 2   XY7 A OP1   1 
HETATM 39  O  OP2   . XY7 A 1 2 ? -10.196 -5.054  -2.827  1.00 11.18 ? 2   XY7 A OP2   1 
HETATM 40  P  P     . 0DG A 1 3 ? -4.963  -5.331  -4.610  1.00 11.47 ? 3   0DG A P     1 
HETATM 41  O  OP1   . 0DG A 1 3 ? -5.446  -4.184  -3.830  1.00 12.35 ? 3   0DG A OP1   1 
HETATM 42  O  OP2   . 0DG A 1 3 ? -5.184  -5.401  -6.065  1.00 12.44 ? 3   0DG A OP2   1 
HETATM 43  O  "O5'" . 0DG A 1 3 ? -3.389  -5.495  -4.281  1.00 11.26 ? 3   0DG A "O5'" 1 
HETATM 44  C  "C5'" . 0DG A 1 3 ? -2.651  -6.486  -4.913  1.00 11.17 ? 3   0DG A "C5'" 1 
HETATM 45  C  "C4'" . 0DG A 1 3 ? -1.313  -6.639  -4.200  1.00 10.28 ? 3   0DG A "C4'" 1 
HETATM 46  O  "O4'" . 0DG A 1 3 ? -1.551  -6.890  -2.780  1.00 9.97  ? 3   0DG A "O4'" 1 
HETATM 47  C  "C3'" . 0DG A 1 3 ? -0.366  -5.429  -4.198  1.00 10.71 ? 3   0DG A "C3'" 1 
HETATM 48  O  "O3'" . 0DG A 1 3 ? 0.390   -5.486  -5.420  1.00 11.01 ? 3   0DG A "O3'" 1 
HETATM 49  C  "C2'" . 0DG A 1 3 ? 0.527   -5.802  -3.024  1.00 10.86 ? 3   0DG A "C2'" 1 
HETATM 50  C  "C1'" . 0DG A 1 3 ? -0.482  -6.343  -2.009  1.00 9.67  ? 3   0DG A "C1'" 1 
HETATM 51  N  N9    . 0DG A 1 3 ? -1.113  -5.327  -1.145  1.00 8.59  ? 3   0DG A N9    1 
HETATM 52  C  C8    . 0DG A 1 3 ? -2.359  -4.766  -1.171  1.00 8.62  ? 3   0DG A C8    1 
HETATM 53  N  N7    . 0DG A 1 3 ? -2.556  -3.942  -0.139  1.00 8.15  ? 3   0DG A N7    1 
HETATM 54  C  C5    . 0DG A 1 3 ? -1.381  -4.017  0.596   1.00 8.14  ? 3   0DG A C5    1 
HETATM 55  C  C6    . 0DG A 1 3 ? -1.049  -3.323  1.848   1.00 7.94  ? 3   0DG A C6    1 
HETATM 56  O  O6    . 0DG A 1 3 ? -1.728  -2.588  2.497   1.00 8.21  ? 3   0DG A O6    1 
HETATM 57  N  N1    . 0DG A 1 3 ? 0.260   -3.624  2.255   1.00 7.80  ? 3   0DG A N1    1 
HETATM 58  C  C2    . 0DG A 1 3 ? 1.075   -4.508  1.538   1.00 7.91  ? 3   0DG A C2    1 
HETATM 59  N  N2    . 0DG A 1 3 ? 2.298   -4.686  2.096   1.00 8.59  ? 3   0DG A N2    1 
HETATM 60  N  N3    . 0DG A 1 3 ? 0.775   -5.140  0.396   1.00 8.07  ? 3   0DG A N3    1 
HETATM 61  C  C4    . 0DG A 1 3 ? -0.490  -4.842  0.009   1.00 7.85  ? 3   0DG A C4    1 
HETATM 62  P  P     . 0DT A 1 4 ? 1.088   -4.200  -6.038  1.00 11.98 ? 4   0DT A P     1 
HETATM 63  O  OP1   . 0DT A 1 4 ? 0.220   -3.011  -5.893  1.00 12.64 ? 4   0DT A OP1   1 
HETATM 64  O  OP2   . 0DT A 1 4 ? 1.581   -4.616  -7.381  1.00 13.48 ? 4   0DT A OP2   1 
HETATM 65  O  "O5'" . 0DT A 1 4 ? 2.329   -3.910  -5.078  1.00 12.12 ? 4   0DT A "O5'" 1 
HETATM 66  C  "C5'" . 0DT A 1 4 ? 3.458   -4.734  -5.010  1.00 13.75 ? 4   0DT A "C5'" 1 
HETATM 67  C  "C4'" . 0DT A 1 4 ? 4.367   -4.201  -3.927  1.00 14.56 ? 4   0DT A "C4'" 1 
HETATM 68  O  "O4'" . 0DT A 1 4 ? 3.786   -4.424  -2.618  1.00 14.98 ? 4   0DT A "O4'" 1 
HETATM 69  C  "C3'" . 0DT A 1 4 ? 4.732   -2.711  -3.924  1.00 14.63 ? 4   0DT A "C3'" 1 
HETATM 70  O  "O3'" . 0DT A 1 4 ? 5.725   -2.371  -4.903  1.00 14.51 ? 4   0DT A "O3'" 1 
HETATM 71  C  "C2'" . 0DT A 1 4 ? 5.202   -2.516  -2.519  1.00 14.56 ? 4   0DT A "C2'" 1 
HETATM 72  C  "C1'" . 0DT A 1 4 ? 4.228   -3.387  -1.770  1.00 14.41 ? 4   0DT A "C1'" 1 
HETATM 73  N  N1    . 0DT A 1 4 ? 3.036   -2.641  -1.312  1.00 13.03 ? 4   0DT A N1    1 
HETATM 74  C  C2    . 0DT A 1 4 ? 3.117   -2.037  -0.116  1.00 13.01 ? 4   0DT A C2    1 
HETATM 75  O  O2    . 0DT A 1 4 ? 4.142   -2.007  0.520   1.00 14.01 ? 4   0DT A O2    1 
HETATM 76  N  N3    . 0DT A 1 4 ? 1.968   -1.398  0.324   1.00 12.62 ? 4   0DT A N3    1 
HETATM 77  C  C4    . 0DT A 1 4 ? 0.796   -1.355  -0.375  1.00 11.76 ? 4   0DT A C4    1 
HETATM 78  O  O4    . 0DT A 1 4 ? -0.152  -0.772  0.089   1.00 12.26 ? 4   0DT A O4    1 
HETATM 79  C  C5    . 0DT A 1 4 ? 0.797   -1.952  -1.683  1.00 11.30 ? 4   0DT A C5    1 
HETATM 80  C  C5M   . 0DT A 1 4 ? -0.459  -1.889  -2.517  1.00 10.75 ? 4   0DT A C5M   1 
HETATM 81  C  C6    . 0DT A 1 4 ? 1.874   -2.574  -2.077  1.00 12.10 ? 4   0DT A C6    1 
HETATM 82  C  C8A   . 0DA A 1 5 ? 4.222   1.005   -1.676  1.00 14.36 ? 5   0DA A C8A   1 
HETATM 83  N  N9A   . 0DA A 1 5 ? 5.058   1.510   -0.713  1.00 13.91 ? 5   0DA A N9A   1 
HETATM 84  C  C4A   . 0DA A 1 5 ? 4.227   2.071   0.235   1.00 14.03 ? 5   0DA A C4A   1 
HETATM 85  C  C5A   . 0DA A 1 5 ? 2.953   1.922   -0.239  1.00 14.47 ? 5   0DA A C5A   1 
HETATM 86  N  N7A   . 0DA A 1 5 ? 2.951   1.249   -1.446  1.00 14.59 ? 5   0DA A N7A   1 
HETATM 87  N  N3A   . 0DA A 1 5 ? 4.599   2.696   1.313   1.00 14.76 ? 5   0DA A N3A   1 
HETATM 88  C  C2A   . 0DA A 1 5 ? 3.531   3.175   1.987   1.00 14.35 ? 5   0DA A C2A   1 
HETATM 89  N  N1A   . 0DA A 1 5 ? 2.262   3.101   1.702   1.00 14.38 ? 5   0DA A N1A   1 
HETATM 90  C  C6A   . 0DA A 1 5 ? 1.937   2.414   0.535   1.00 14.53 ? 5   0DA A C6A   1 
HETATM 91  N  N6A   . 0DA A 1 5 ? 0.629   2.313   0.163   1.00 14.61 ? 5   0DA A N6A   1 
HETATM 92  C  "C4'" . 0DA A 1 5 ? 7.783   0.679   -2.534  1.00 11.88 ? 5   0DA A "C4'" 1 
HETATM 93  O  "O4'" . 0DA A 1 5 ? 6.870   0.195   -1.496  1.00 12.41 ? 5   0DA A "O4'" 1 
HETATM 94  C  "C3'" . 0DA A 1 5 ? 7.434   2.191   -2.657  1.00 11.26 ? 5   0DA A "C3'" 1 
HETATM 95  C  "C2'" . 0DA A 1 5 ? 7.292   2.538   -1.158  1.00 12.18 ? 5   0DA A "C2'" 1 
HETATM 96  C  "C1'" . 0DA A 1 5 ? 6.528   1.338   -0.653  1.00 13.02 ? 5   0DA A "C1'" 1 
HETATM 97  O  "O3'" . 0DA A 1 5 ? 8.513   2.847   -3.267  1.00 10.78 ? 5   0DA A "O3'" 1 
HETATM 98  C  "C5'" . 0DA A 1 5 ? 7.640   -0.098  -3.835  1.00 12.18 ? 5   0DA A "C5'" 1 
HETATM 99  O  "O5'" . 0DA A 1 5 ? 6.304   -0.006  -4.303  1.00 12.73 ? 5   0DA A "O5'" 1 
HETATM 100 P  P     . 0DA A 1 5 ? 5.834   -0.898  -5.518  1.00 14.33 ? 5   0DA A P     1 
HETATM 101 O  OP2   . 0DA A 1 5 ? 6.894   -0.961  -6.529  1.00 15.41 ? 5   0DA A OP2   1 
HETATM 102 O  OP1   . 0DA A 1 5 ? 4.470   -0.444  -5.869  1.00 14.25 ? 5   0DA A OP1   1 
HETATM 103 P  P     . 0DC A 1 6 ? 8.247   4.102   -4.237  1.00 10.57 ? 6   0DC A P     1 
HETATM 104 O  OP1   . 0DC A 1 6 ? 7.119   3.781   -5.093  1.00 11.72 ? 6   0DC A OP1   1 
HETATM 105 O  OP2   . 0DC A 1 6 ? 9.568   4.491   -4.797  1.00 11.70 ? 6   0DC A OP2   1 
HETATM 106 O  "O5'" . 0DC A 1 6 ? 7.712   5.260   -3.261  1.00 9.70  ? 6   0DC A "O5'" 1 
HETATM 107 C  "C5'" . 0DC A 1 6 ? 8.588   5.844   -2.313  1.00 9.41  ? 6   0DC A "C5'" 1 
HETATM 108 C  "C4'" . 0DC A 1 6 ? 7.777   6.637   -1.300  1.00 8.92  ? 6   0DC A "C4'" 1 
HETATM 109 O  "O4'" . 0DC A 1 6 ? 6.876   5.747   -0.651  1.00 9.12  ? 6   0DC A "O4'" 1 
HETATM 110 C  "C3'" . 0DC A 1 6 ? 6.893   7.726   -1.839  1.00 8.82  ? 6   0DC A "C3'" 1 
HETATM 111 O  "O3'" . 0DC A 1 6 ? 7.698   8.907   -2.078  1.00 8.85  ? 6   0DC A "O3'" 1 
HETATM 112 C  "C2'" . 0DC A 1 6 ? 5.928   7.905   -0.661  1.00 9.31  ? 6   0DC A "C2'" 1 
HETATM 113 C  "C1'" . 0DC A 1 6 ? 5.723   6.454   -0.250  1.00 8.73  ? 6   0DC A "C1'" 1 
HETATM 114 N  N1    . 0DC A 1 6 ? 4.501   5.818   -0.871  1.00 8.39  ? 6   0DC A N1    1 
HETATM 115 C  C2    . 0DC A 1 6 ? 3.295   6.031   -0.238  1.00 8.16  ? 6   0DC A C2    1 
HETATM 116 O  O2    . 0DC A 1 6 ? 3.271   6.677   0.798   1.00 9.03  ? 6   0DC A O2    1 
HETATM 117 N  N3    . 0DC A 1 6 ? 2.164   5.487   -0.777  1.00 7.99  ? 6   0DC A N3    1 
HETATM 118 C  C4    . 0DC A 1 6 ? 2.242   4.784   -1.938  1.00 7.65  ? 6   0DC A C4    1 
HETATM 119 N  N4    . 0DC A 1 6 ? 1.104   4.282   -2.410  1.00 8.11  ? 6   0DC A N4    1 
HETATM 120 C  C5    . 0DC A 1 6 ? 3.462   4.594   -2.606  1.00 8.28  ? 6   0DC A C5    1 
HETATM 121 C  C6    . 0DC A 1 6 ? 4.588   5.155   -2.044  1.00 8.36  ? 6   0DC A C6    1 
HETATM 122 C  C8A   . 0DA A 1 7 ? 3.031   9.552   -2.458  1.00 8.79  ? 7   0DA A C8A   1 
HETATM 123 N  N9A   . 0DA A 1 7 ? 2.439   10.370  -1.505  1.00 8.30  ? 7   0DA A N9A   1 
HETATM 124 C  C4A   . 0DA A 1 7 ? 1.164   9.831   -1.293  1.00 7.97  ? 7   0DA A C4A   1 
HETATM 125 C  C5A   . 0DA A 1 7 ? 1.073   8.762   -2.145  1.00 8.30  ? 7   0DA A C5A   1 
HETATM 126 N  N7A   . 0DA A 1 7 ? 2.266   8.596   -2.871  1.00 8.41  ? 7   0DA A N7A   1 
HETATM 127 N  N3A   . 0DA A 1 7 ? 0.266   10.252  -0.451  1.00 8.04  ? 7   0DA A N3A   1 
HETATM 128 C  C2A   . 0DA A 1 7 ? -0.849  9.525   -0.535  1.00 8.04  ? 7   0DA A C2A   1 
HETATM 129 N  N1A   . 0DA A 1 7 ? -1.118  8.527   -1.311  1.00 8.18  ? 7   0DA A N1A   1 
HETATM 130 C  C6A   . 0DA A 1 7 ? -0.117  8.096   -2.185  1.00 8.13  ? 7   0DA A C6A   1 
HETATM 131 N  N6A   . 0DA A 1 7 ? -0.378  7.064   -2.993  1.00 8.75  ? 7   0DA A N6A   1 
HETATM 132 C  "C4'" . 0DA A 1 7 ? 5.199   12.185  -0.277  1.00 10.05 ? 7   0DA A "C4'" 1 
HETATM 133 O  "O4'" . 0DA A 1 7 ? 4.136   11.233  -0.103  1.00 9.65  ? 7   0DA A "O4'" 1 
HETATM 134 C  "C3'" . 0DA A 1 7 ? 4.702   13.240  -1.352  1.00 11.05 ? 7   0DA A "C3'" 1 
HETATM 135 C  "C2'" . 0DA A 1 7 ? 3.552   12.531  -2.030  1.00 10.70 ? 7   0DA A "C2'" 1 
HETATM 136 C  "C1'" . 0DA A 1 7 ? 3.028   11.604  -0.927  1.00 9.29  ? 7   0DA A "C1'" 1 
HETATM 137 O  "O3'" . 0DA A 1 7 ? 4.237   14.384  -0.691  1.00 12.05 ? 7   0DA A "O3'" 1 
HETATM 138 C  "C5'" . 0DA A 1 7 ? 6.410   11.386  -0.765  1.00 9.59  ? 7   0DA A "C5'" 1 
HETATM 139 O  "O5'" . 0DA A 1 7 ? 6.090   10.815  -2.043  1.00 9.08  ? 7   0DA A "O5'" 1 
HETATM 140 P  P     . 0DA A 1 7 ? 7.178   10.117  -2.943  1.00 9.18  ? 7   0DA A P     1 
HETATM 141 O  OP2   . 0DA A 1 7 ? 8.331   11.009  -3.121  1.00 11.12 ? 7   0DA A OP2   1 
HETATM 142 O  OP1   . 0DA A 1 7 ? 6.462   9.644   -4.107  1.00 10.22 ? 7   0DA A OP1   1 
HETATM 143 P  P     . 0DC A 1 8 ? 3.631   15.675  -1.488  1.00 13.85 ? 8   0DC A P     1 
HETATM 144 O  OP1   . 0DC A 1 8 ? 3.985   15.615  -2.943  1.00 15.18 ? 8   0DC A OP1   1 
HETATM 145 O  OP2   . 0DC A 1 8 ? 3.939   16.834  -0.700  1.00 15.62 ? 8   0DC A OP2   1 
HETATM 146 O  "O5'" . 0DC A 1 8 ? 2.086   15.429  -1.499  1.00 12.67 ? 8   0DC A "O5'" 1 
HETATM 147 C  "C5'" . 0DC A 1 8 ? 1.374   15.512  -0.319  1.00 11.66 ? 8   0DC A "C5'" 1 
HETATM 148 C  "C4'" . 0DC A 1 8 ? -0.041  14.996  -0.549  1.00 11.59 ? 8   0DC A "C4'" 1 
HETATM 149 O  "O4'" . 0DC A 1 8 ? 0.019   13.603  -0.892  1.00 11.72 ? 8   0DC A "O4'" 1 
HETATM 150 C  "C3'" . 0DC A 1 8 ? -0.799  15.637  -1.711  1.00 13.15 ? 8   0DC A "C3'" 1 
HETATM 151 O  "O3'" . 0DC A 1 8 ? -1.352  16.905  -1.325  1.00 13.92 ? 8   0DC A "O3'" 1 
HETATM 152 C  "C2'" . 0DC A 1 8 ? -1.863  14.646  -1.933  1.00 13.66 ? 8   0DC A "C2'" 1 
HETATM 153 C  "C1'" . 0DC A 1 8 ? -1.208  13.299  -1.532  1.00 11.78 ? 8   0DC A "C1'" 1 
HETATM 154 N  N1    . 0DC A 1 8 ? -0.942  12.413  -2.623  1.00 10.95 ? 8   0DC A N1    1 
HETATM 155 C  C2    . 0DC A 1 8 ? -1.892  11.525  -3.009  1.00 10.47 ? 8   0DC A C2    1 
HETATM 156 O  O2    . 0DC A 1 8 ? -2.938  11.551  -2.418  1.00 11.25 ? 8   0DC A O2    1 
HETATM 157 N  N3    . 0DC A 1 8 ? -1.600  10.567  -3.946  1.00 9.96  ? 8   0DC A N3    1 
HETATM 158 C  C4    . 0DC A 1 8 ? -0.416  10.593  -4.575  1.00 10.07 ? 8   0DC A C4    1 
HETATM 159 N  N4    . 0DC A 1 8 ? -0.176  9.673   -5.440  1.00 10.31 ? 8   0DC A N4    1 
HETATM 160 C  C5    . 0DC A 1 8 ? 0.555   11.566  -4.277  1.00 10.93 ? 8   0DC A C5    1 
HETATM 161 C  C6    . 0DC A 1 8 ? 0.228   12.473  -3.287  1.00 10.83 ? 8   0DC A C6    1 
HETATM 162 MG MG    . MG  B 2 . ? -4.048  1.567   -0.996  1.00 11.01 ? 101 MG  A MG    1 
HETATM 163 O  O     . HOH C 3 . ? -8.516  -2.599  1.356   1.00 29.80 ? 201 HOH A O     1 
HETATM 164 O  O     . HOH C 3 . ? -2.257  -2.024  -5.691  1.00 22.75 ? 202 HOH A O     1 
HETATM 165 O  O     . HOH C 3 . ? 6.021   14.732  -4.501  1.00 34.49 ? 203 HOH A O     1 
HETATM 166 O  O     . HOH C 3 . ? -6.657  -2.770  -1.727  1.00 19.84 ? 204 HOH A O     1 
HETATM 167 O  O     . HOH C 3 . ? -1.402  -9.865  -0.751  1.00 32.79 ? 205 HOH A O     1 
HETATM 168 O  O     . HOH C 3 . ? -10.847 -1.703  -0.964  1.00 40.82 ? 206 HOH A O     1 
HETATM 169 O  O     . HOH C 3 . ? -11.094 -2.426  5.141   1.00 35.55 ? 207 HOH A O     1 
HETATM 170 O  O     . HOH C 3 . ? -5.666  -5.141  8.490   1.00 29.22 ? 208 HOH A O     1 
HETATM 171 O  O     . HOH C 3 . ? 1.676   -0.647  -5.565  1.00 18.60 ? 209 HOH A O     1 
HETATM 172 O  O     . HOH C 3 . ? 1.070   1.206   -3.560  1.00 20.66 ? 210 HOH A O     1 
HETATM 173 O  O     . HOH C 3 . ? -6.100  -11.265 0.623   1.00 26.80 ? 211 HOH A O     1 
HETATM 174 O  O     . HOH C 3 . ? -3.750  -1.867  -3.462  1.00 17.09 ? 212 HOH A O     1 
HETATM 175 O  O     . HOH C 3 . ? -4.863  -2.292  0.445   1.00 18.84 ? 213 HOH A O     1 
HETATM 176 O  O     . HOH C 3 . ? -8.222  -3.935  7.484   1.00 44.13 ? 214 HOH A O     1 
HETATM 177 O  O     . HOH C 3 . ? -2.993  -0.393  -0.577  1.00 17.39 ? 215 HOH A O     1 
HETATM 178 O  O     . HOH C 3 . ? 3.950   -3.187  -8.783  1.00 49.61 ? 216 HOH A O     1 
HETATM 179 O  O     . HOH C 3 . ? 1.901   3.367   -5.566  1.00 37.12 ? 217 HOH A O     1 
HETATM 180 O  O     . HOH C 3 . ? -2.138  2.085   -1.969  1.00 29.20 ? 218 HOH A O     1 
HETATM 181 O  O     . HOH C 3 . ? -12.859 -5.801  5.971   1.00 15.85 ? 219 HOH A O     1 
HETATM 182 O  O     . HOH C 3 . ? -9.045  -11.299 -0.648  1.00 35.18 ? 220 HOH A O     1 
HETATM 183 O  O     . HOH C 3 . ? -2.813  -3.634  7.743   1.00 29.03 ? 221 HOH A O     1 
HETATM 184 O  O     . HOH C 3 . ? -11.130 -4.382  7.456   1.00 25.37 ? 222 HOH A O     1 
HETATM 185 O  O     . HOH C 3 . ? -5.204  -12.179 -1.627  0.60 31.32 ? 223 HOH A O     1 
HETATM 186 O  O     . HOH C 3 . ? -4.803  -6.754  10.290  1.00 28.22 ? 224 HOH A O     1 
HETATM 187 O  O     . HOH C 3 . ? -14.681 -4.058  4.520   1.00 14.08 ? 225 HOH A O     1 
HETATM 188 O  O     . HOH C 3 . ? -2.497  0.557   -6.140  0.87 28.53 ? 226 HOH A O     1 
HETATM 189 O  O     . HOH C 3 . ? 11.252  -1.906  -7.410  1.00 24.84 ? 227 HOH A O     1 
HETATM 190 O  O     . HOH C 3 . ? 9.711   14.494  -6.096  0.51 13.48 ? 228 HOH A O     1 
HETATM 191 O  O     . HOH C 3 . ? -6.144  0.143   1.806   0.63 23.18 ? 229 HOH A O     1 
HETATM 192 O  O     . HOH C 3 . ? -3.286  -14.347 1.890   1.00 18.03 ? 230 HOH A O     1 
HETATM 193 O  O     . HOH C 3 . ? -5.932  0.840   -0.617  0.78 51.06 ? 231 HOH A O     1 
HETATM 194 O  O     . HOH C 3 . ? -4.517  3.082   -4.275  1.00 39.92 ? 232 HOH A O     1 
HETATM 195 O  O     . HOH C 3 . ? 4.817   -10.798 2.061   1.00 25.93 ? 233 HOH A O     1 
HETATM 196 O  O     . HOH C 3 . ? -16.373 -2.816  6.533   1.00 26.71 ? 234 HOH A O     1 
HETATM 197 O  O     . HOH C 3 . ? 13.204  -3.835  -6.754  1.00 21.08 ? 235 HOH A O     1 
HETATM 198 O  O     . HOH C 3 . ? -8.411  -15.614 0.136   1.00 30.23 ? 236 HOH A O     1 
HETATM 199 O  O     . HOH C 3 . ? 6.872   -10.933 4.046   0.75 25.71 ? 237 HOH A O     1 
HETATM 200 O  O     . HOH C 3 . ? 0.260   -2.855  10.722  1.00 18.14 ? 238 HOH A O     1 
HETATM 201 O  O     . HOH C 3 . ? 12.212  13.184  -10.173 1.00 19.69 ? 239 HOH A O     1 
HETATM 202 O  O     . HOH C 3 . ? 8.721   -11.322 2.301   1.00 78.13 ? 240 HOH A O     1 
HETATM 203 O  O     . HOH C 3 . ? 6.573   -13.039 5.187   0.60 22.00 ? 241 HOH A O     1 
HETATM 204 O  O     . HOH C 3 . ? -16.666 -4.039  10.734  1.00 40.82 ? 242 HOH A O     1 
HETATM 205 O  O     . HOH C 3 . ? 14.683  -8.335  -7.767  1.00 16.02 ? 243 HOH A O     1 
HETATM 206 O  O     . HOH C 3 . ? 7.524   -5.756  11.942  1.00 16.56 ? 244 HOH A O     1 
HETATM 207 O  O     . HOH C 3 . ? 4.193   -2.842  13.694  1.00 19.45 ? 245 HOH A O     1 
HETATM 208 O  O     . HOH C 3 . ? 3.841   0.700   15.001  1.00 19.18 ? 246 HOH A O     1 
HETATM 209 O  O     . HOH C 3 . ? 4.546   -5.199  17.574  1.00 39.36 ? 247 HOH A O     1 
HETATM 210 O  O     . HOH C 3 . ? 8.250   -3.711  15.974  1.00 21.04 ? 248 HOH A O     1 
HETATM 211 O  O     . HOH C 3 . ? 8.220   -8.017  16.302  1.00 18.29 ? 249 HOH A O     1 
HETATM 212 O  O     . HOH C 3 . ? 2.640   -5.781  21.490  1.00 28.68 ? 250 HOH A O     1 
HETATM 213 O  O     . HOH C 3 . ? 10.500  -4.699  17.882  1.00 19.13 ? 251 HOH A O     1 
HETATM 214 O  O     . HOH C 3 . ? 6.001   -2.641  19.505  1.00 25.08 ? 252 HOH A O     1 
HETATM 215 O  O     . HOH C 3 . ? 7.627   -0.135  20.671  0.53 51.48 ? 253 HOH A O     1 
HETATM 216 O  O     . HOH C 3 . ? 11.799  -8.484  19.232  1.00 18.65 ? 254 HOH A O     1 
# 
loop_
_atom_site_anisotrop.id 
_atom_site_anisotrop.type_symbol 
_atom_site_anisotrop.pdbx_label_atom_id 
_atom_site_anisotrop.pdbx_label_alt_id 
_atom_site_anisotrop.pdbx_label_comp_id 
_atom_site_anisotrop.pdbx_label_asym_id 
_atom_site_anisotrop.pdbx_label_seq_id 
_atom_site_anisotrop.pdbx_PDB_ins_code 
_atom_site_anisotrop.U[1][1] 
_atom_site_anisotrop.U[2][2] 
_atom_site_anisotrop.U[3][3] 
_atom_site_anisotrop.U[1][2] 
_atom_site_anisotrop.U[1][3] 
_atom_site_anisotrop.U[2][3] 
_atom_site_anisotrop.pdbx_auth_seq_id 
_atom_site_anisotrop.pdbx_auth_comp_id 
_atom_site_anisotrop.pdbx_auth_asym_id 
_atom_site_anisotrop.pdbx_auth_atom_id 
1   O  "O5'" . 0DG A 1 ? 0.1843 0.1494 0.1573 0.0100  -0.0270 -0.0065 1   0DG A "O5'" 
2   C  "C5'" . 0DG A 1 ? 0.1458 0.1499 0.1537 0.0154  -0.0199 -0.0027 1   0DG A "C5'" 
3   C  "C4'" . 0DG A 1 ? 0.1103 0.1473 0.1156 0.0094  0.0039  0.0148  1   0DG A "C4'" 
4   O  "O4'" . 0DG A 1 ? 0.1076 0.1408 0.1189 0.0095  0.0101  0.0214  1   0DG A "O4'" 
5   C  "C3'" . 0DG A 1 ? 0.1054 0.1529 0.1098 0.0089  0.0072  0.0211  1   0DG A "C3'" 
6   O  "O3'" . 0DG A 1 ? 0.0911 0.1666 0.1022 0.0066  -0.0025 0.0285  1   0DG A "O3'" 
7   C  "C2'" . 0DG A 1 ? 0.1058 0.1394 0.1264 0.0110  0.0020  0.0184  1   0DG A "C2'" 
8   C  "C1'" . 0DG A 1 ? 0.1059 0.1289 0.1077 0.0049  0.0044  0.0199  1   0DG A "C1'" 
9   N  N9    . 0DG A 1 ? 0.1024 0.1202 0.1084 0.0003  0.0024  0.0103  1   0DG A N9    
10  C  C8    . 0DG A 1 ? 0.1292 0.1218 0.1051 -0.0012 -0.0020 0.0099  1   0DG A C8    
11  N  N7    . 0DG A 1 ? 0.1215 0.1227 0.1219 0.0004  -0.0012 0.0070  1   0DG A N7    
12  C  C5    . 0DG A 1 ? 0.1109 0.1114 0.1111 -0.0129 -0.0016 0.0158  1   0DG A C5    
13  C  C6    . 0DG A 1 ? 0.1137 0.1128 0.1132 -0.0118 -0.0064 0.0080  1   0DG A C6    
14  O  O6    . 0DG A 1 ? 0.1383 0.1274 0.1281 -0.0044 -0.0186 -0.0117 1   0DG A O6    
15  N  N1    . 0DG A 1 ? 0.1104 0.1085 0.1212 -0.0144 -0.0064 0.0172  1   0DG A N1    
16  C  C2    . 0DG A 1 ? 0.1057 0.1027 0.1244 -0.0169 0.0020  0.0154  1   0DG A C2    
17  N  N2    . 0DG A 1 ? 0.1058 0.1041 0.1415 -0.0065 -0.0048 0.0052  1   0DG A N2    
18  N  N3    . 0DG A 1 ? 0.0994 0.1014 0.1227 -0.0193 0.0051  0.0166  1   0DG A N3    
19  C  C4    . 0DG A 1 ? 0.1071 0.1076 0.0975 -0.0124 0.0070  0.0173  1   0DG A C4    
20  C  C4    . XY7 A 2 ? 0.1110 0.1070 0.1240 -0.0258 -0.0140 0.0129  2   XY7 A C4    
21  N  N3    . XY7 A 2 ? 0.1041 0.1101 0.1155 -0.0220 -0.0088 0.0173  2   XY7 A N3    
22  C  C2    . XY7 A 2 ? 0.0956 0.1181 0.1159 -0.0208 -0.0091 0.0150  2   XY7 A C2    
23  N  N1    . XY7 A 2 ? 0.0968 0.1227 0.1158 -0.0202 -0.0087 0.0081  2   XY7 A N1    
24  C  C6    . XY7 A 2 ? 0.0986 0.1151 0.1241 -0.0152 -0.0120 0.0172  2   XY7 A C6    
25  C  C5    . XY7 A 2 ? 0.0980 0.1153 0.1243 -0.0178 -0.0127 0.0120  2   XY7 A C5    
26  O  O4    . XY7 A 2 ? 0.1337 0.1063 0.1374 -0.0257 -0.0188 0.0109  2   XY7 A O4    
27  O  O2    . XY7 A 2 ? 0.0992 0.1307 0.1247 -0.0093 -0.0129 -0.0024 2   XY7 A O2    
28  C  "C1'" . XY7 A 2 ? 0.1120 0.1359 0.1108 -0.0157 -0.0171 0.0072  2   XY7 A "C1'" 
29  O  "O4'" . XY7 A 2 ? 0.0973 0.1460 0.1372 -0.0240 -0.0112 0.0033  2   XY7 A "O4'" 
30  C  "C2'" . XY7 A 2 ? 0.1222 0.1490 0.1290 -0.0076 -0.0107 0.0001  2   XY7 A "C2'" 
31  F  "F2'" . XY7 A 2 ? 0.1325 0.1543 0.1585 -0.0072 -0.0117 -0.0173 2   XY7 A "F2'" 
32  C  "C3'" . XY7 A 2 ? 0.1138 0.1583 0.1220 -0.0120 -0.0093 0.0080  2   XY7 A "C3'" 
33  O  "O3'" . XY7 A 2 ? 0.1337 0.1673 0.1032 -0.0172 -0.0072 0.0047  2   XY7 A "O3'" 
34  C  "C4'" . XY7 A 2 ? 0.0994 0.1605 0.1323 -0.0147 -0.0048 -0.0026 2   XY7 A "C4'" 
35  C  "C5'" . XY7 A 2 ? 0.0917 0.1704 0.1422 -0.0080 -0.0087 -0.0096 2   XY7 A "C5'" 
36  O  "O5'" . XY7 A 2 ? 0.1044 0.1728 0.1182 0.0017  -0.0097 0.0069  2   XY7 A "O5'" 
37  P  P     . XY7 A 2 ? 0.1085 0.1726 0.1207 0.0029  -0.0047 0.0354  2   XY7 A P     
38  O  OP1   . XY7 A 2 ? 0.1340 0.1580 0.1413 -0.0038 -0.0091 0.0283  2   XY7 A OP1   
39  O  OP2   . XY7 A 2 ? 0.1151 0.1817 0.1281 0.0060  -0.0093 0.0325  2   XY7 A OP2   
40  P  P     . 0DG A 3 ? 0.1475 0.1703 0.1179 -0.0219 -0.0116 0.0095  3   0DG A P     
41  O  OP1   . 0DG A 3 ? 0.1565 0.1685 0.1444 -0.0099 -0.0068 0.0031  3   0DG A OP1   
42  O  OP2   . 0DG A 3 ? 0.1805 0.1778 0.1144 -0.0189 -0.0186 0.0115  3   0DG A OP2   
43  O  "O5'" . 0DG A 3 ? 0.1255 0.1735 0.1287 -0.0195 -0.0135 -0.0106 3   0DG A "O5'" 
44  C  "C5'" . 0DG A 3 ? 0.1327 0.1684 0.1235 -0.0169 -0.0112 -0.0220 3   0DG A "C5'" 
45  C  "C4'" . 0DG A 3 ? 0.1153 0.1556 0.1198 -0.0328 0.0022  -0.0262 3   0DG A "C4'" 
46  O  "O4'" . 0DG A 3 ? 0.1235 0.1432 0.1121 -0.0386 0.0030  -0.0210 3   0DG A "O4'" 
47  C  "C3'" . 0DG A 3 ? 0.1253 0.1585 0.1231 -0.0295 0.0132  -0.0220 3   0DG A "C3'" 
48  O  "O3'" . 0DG A 3 ? 0.1321 0.1665 0.1197 -0.0248 0.0233  -0.0243 3   0DG A "O3'" 
49  C  "C2'" . 0DG A 3 ? 0.1166 0.1498 0.1462 -0.0344 -0.0065 -0.0256 3   0DG A "C2'" 
50  C  "C1'" . 0DG A 3 ? 0.1125 0.1357 0.1191 -0.0379 0.0001  -0.0210 3   0DG A "C1'" 
51  N  N9    . 0DG A 3 ? 0.1095 0.1166 0.1004 -0.0294 -0.0021 -0.0041 3   0DG A N9    
52  C  C8    . 0DG A 3 ? 0.0979 0.1115 0.1183 -0.0205 0.0016  0.0024  3   0DG A C8    
53  N  N7    . 0DG A 3 ? 0.0999 0.1053 0.1043 -0.0234 -0.0082 0.0011  3   0DG A N7    
54  C  C5    . 0DG A 3 ? 0.1079 0.1014 0.1001 -0.0285 -0.0088 0.0058  3   0DG A C5    
55  C  C6    . 0DG A 3 ? 0.1132 0.0993 0.0891 -0.0254 -0.0159 0.0044  3   0DG A C6    
56  O  O6    . 0DG A 3 ? 0.1151 0.0993 0.0976 -0.0163 -0.0123 0.0066  3   0DG A O6    
57  N  N1    . 0DG A 3 ? 0.1154 0.1012 0.0797 -0.0240 -0.0250 0.0029  3   0DG A N1    
58  C  C2    . 0DG A 3 ? 0.1137 0.0972 0.0897 -0.0340 -0.0155 0.0168  3   0DG A C2    
59  N  N2    . 0DG A 3 ? 0.1143 0.1065 0.1056 -0.0298 -0.0160 0.0170  3   0DG A N2    
60  N  N3    . 0DG A 3 ? 0.1080 0.1022 0.0965 -0.0324 -0.0155 0.0053  3   0DG A N3    
61  C  C4    . 0DG A 3 ? 0.1082 0.1046 0.0854 -0.0350 -0.0035 0.0027  3   0DG A C4    
62  P  P     . 0DT A 4 ? 0.1474 0.1733 0.1345 -0.0148 0.0311  -0.0029 4   0DT A P     
63  O  OP1   . 0DT A 4 ? 0.1680 0.1778 0.1344 0.0051  0.0077  0.0084  4   0DT A OP1   
64  O  OP2   . 0DT A 4 ? 0.1758 0.1791 0.1573 -0.0150 0.0428  -0.0011 4   0DT A OP2   
65  O  "O5'" . 0DT A 4 ? 0.1239 0.1626 0.1739 -0.0100 0.0165  0.0111  4   0DT A "O5'" 
66  C  "C5'" . 0DT A 4 ? 0.1258 0.1526 0.2441 -0.0098 -0.0037 0.0298  4   0DT A "C5'" 
67  C  "C4'" . 0DT A 4 ? 0.1275 0.1390 0.2869 -0.0191 -0.0232 0.0529  4   0DT A "C4'" 
68  O  "O4'" . 0DT A 4 ? 0.1347 0.1361 0.2985 -0.0299 -0.0448 0.0678  4   0DT A "O4'" 
69  C  "C3'" . 0DT A 4 ? 0.1120 0.1364 0.3074 -0.0222 -0.0198 0.0525  4   0DT A "C3'" 
70  O  "O3'" . 0DT A 4 ? 0.1041 0.1325 0.3147 -0.0101 0.0024  0.0485  4   0DT A "O3'" 
71  C  "C2'" . 0DT A 4 ? 0.1263 0.1368 0.2902 -0.0340 -0.0396 0.0620  4   0DT A "C2'" 
72  C  "C1'" . 0DT A 4 ? 0.1492 0.1382 0.2602 -0.0456 -0.0517 0.0692  4   0DT A "C1'" 
73  N  N1    . 0DT A 4 ? 0.1634 0.1428 0.1887 -0.0699 -0.0580 0.0694  4   0DT A N1    
74  C  C2    . 0DT A 4 ? 0.1873 0.1487 0.1584 -0.0805 -0.0679 0.0707  4   0DT A C2    
75  O  O2    . 0DT A 4 ? 0.2015 0.1571 0.1736 -0.0789 -0.0875 0.0785  4   0DT A O2    
76  N  N3    . 0DT A 4 ? 0.2008 0.1544 0.1242 -0.0855 -0.0588 0.0527  4   0DT A N3    
77  C  C4    . 0DT A 4 ? 0.1892 0.1527 0.1048 -0.0863 -0.0503 0.0464  4   0DT A C4    
78  O  O4    . 0DT A 4 ? 0.1902 0.1701 0.1055 -0.0906 -0.0393 0.0183  4   0DT A O4    
79  C  C5    . 0DT A 4 ? 0.1668 0.1470 0.1154 -0.0728 -0.0445 0.0504  4   0DT A C5    
80  C  C5M   . 0DT A 4 ? 0.1511 0.1557 0.1018 -0.0547 -0.0393 0.0337  4   0DT A C5M   
81  C  C6    . 0DT A 4 ? 0.1639 0.1461 0.1498 -0.0672 -0.0603 0.0589  4   0DT A C6    
82  C  C8A   . 0DA A 5 ? 0.1099 0.1589 0.2768 0.0354  0.0591  0.1123  5   0DA A C8A   
83  N  N9A   . 0DA A 5 ? 0.1173 0.1618 0.2496 0.0459  0.0619  0.1076  5   0DA A N9A   
84  C  C4A   . 0DA A 5 ? 0.1158 0.1720 0.2452 0.0475  0.0648  0.1129  5   0DA A C4A   
85  C  C5A   . 0DA A 5 ? 0.1156 0.1729 0.2612 0.0443  0.0641  0.1157  5   0DA A C5A   
86  N  N7A   . 0DA A 5 ? 0.1091 0.1622 0.2831 0.0325  0.0558  0.1146  5   0DA A N7A   
87  N  N3A   . 0DA A 5 ? 0.1218 0.1861 0.2529 0.0515  0.0675  0.1184  5   0DA A N3A   
88  C  C2A   . 0DA A 5 ? 0.1227 0.1967 0.2259 0.0568  0.0652  0.1193  5   0DA A C2A   
89  N  N1A   . 0DA A 5 ? 0.1219 0.1905 0.2342 0.0555  0.0663  0.1179  5   0DA A N1A   
90  C  C6A   . 0DA A 5 ? 0.1191 0.1763 0.2566 0.0482  0.0662  0.1164  5   0DA A C6A   
91  N  N6A   . 0DA A 5 ? 0.1220 0.1680 0.2649 0.0468  0.0693  0.1141  5   0DA A N6A   
92  C  "C4'" . 0DA A 5 ? 0.0958 0.1250 0.2308 0.0281  0.0382  0.0720  5   0DA A "C4'" 
93  O  "O4'" . 0DA A 5 ? 0.1032 0.1307 0.2377 0.0297  0.0447  0.0889  5   0DA A "O4'" 
94  C  "C3'" . 0DA A 5 ? 0.1059 0.1211 0.2007 0.0274  0.0550  0.0632  5   0DA A "C3'" 
95  C  "C2'" . 0DA A 5 ? 0.1135 0.1342 0.2149 0.0418  0.0604  0.0751  5   0DA A "C2'" 
96  C  "C1'" . 0DA A 5 ? 0.1069 0.1425 0.2451 0.0411  0.0540  0.0892  5   0DA A "C1'" 
97  O  "O3'" . 0DA A 5 ? 0.1149 0.1121 0.1827 0.0153  0.0599  0.0427  5   0DA A "O3'" 
98  C  "C5'" . 0DA A 5 ? 0.0796 0.1246 0.2585 0.0168  0.0231  0.0578  5   0DA A "C5'" 
99  O  "O5'" . 0DA A 5 ? 0.0915 0.1251 0.2673 0.0004  0.0201  0.0522  5   0DA A "O5'" 
100 P  P     . 0DA A 5 ? 0.1060 0.1386 0.3001 -0.0037 0.0217  0.0428  5   0DA A P     
101 O  OP2   . 0DA A 5 ? 0.1180 0.1460 0.3216 -0.0103 0.0335  0.0290  5   0DA A OP2   
102 O  OP1   . 0DA A 5 ? 0.1162 0.1472 0.2783 0.0025  0.0189  0.0440  5   0DA A OP1   
103 P  P     . 0DC A 6 ? 0.1364 0.1061 0.1589 0.0044  0.0564  0.0186  6   0DC A P     
104 O  OP1   . 0DC A 6 ? 0.1875 0.1142 0.1434 0.0093  0.0514  0.0154  6   0DC A OP1   
105 O  OP2   . 0DC A 6 ? 0.1535 0.1165 0.1745 0.0002  0.0808  0.0130  6   0DC A OP2   
106 O  "O5'" . 0DC A 6 ? 0.1231 0.1028 0.1428 0.0047  0.0389  0.0178  6   0DC A "O5'" 
107 C  "C5'" . 0DC A 6 ? 0.1056 0.1050 0.1468 0.0079  0.0187  0.0215  6   0DC A "C5'" 
108 C  "C4'" . 0DC A 6 ? 0.1018 0.1040 0.1330 0.0109  0.0131  0.0323  6   0DC A "C4'" 
109 O  "O4'" . 0DC A 6 ? 0.0984 0.1115 0.1367 0.0166  0.0161  0.0316  6   0DC A "O4'" 
110 C  "C3'" . 0DC A 6 ? 0.0865 0.1053 0.1433 0.0106  0.0181  0.0236  6   0DC A "C3'" 
111 O  "O3'" . 0DC A 6 ? 0.0938 0.1014 0.1412 0.0016  0.0125  0.0213  6   0DC A "O3'" 
112 C  "C2'" . 0DC A 6 ? 0.0926 0.1082 0.1529 0.0162  0.0215  0.0225  6   0DC A "C2'" 
113 C  "C1'" . 0DC A 6 ? 0.0869 0.1134 0.1316 0.0147  0.0222  0.0266  6   0DC A "C1'" 
114 N  N1    . 0DC A 6 ? 0.0943 0.1061 0.1184 0.0072  0.0188  0.0301  6   0DC A N1    
115 C  C2    . 0DC A 6 ? 0.0810 0.1153 0.1138 0.0131  0.0131  0.0211  6   0DC A C2    
116 O  O2    . 0DC A 6 ? 0.0898 0.1279 0.1252 0.0089  0.0156  0.0132  6   0DC A O2    
117 N  N3    . 0DC A 6 ? 0.0871 0.1053 0.1110 0.0144  0.0122  0.0274  6   0DC A N3    
118 C  C4    . 0DC A 6 ? 0.0862 0.0902 0.1141 0.0111  0.0139  0.0333  6   0DC A C4    
119 N  N4    . 0DC A 6 ? 0.0847 0.0984 0.1251 0.0185  0.0109  0.0213  6   0DC A N4    
120 C  C5    . 0DC A 6 ? 0.0932 0.0923 0.1291 0.0062  0.0197  0.0286  6   0DC A C5    
121 C  C6    . 0DC A 6 ? 0.0999 0.0998 0.1179 0.0059  0.0267  0.0271  6   0DC A C6    
122 C  C8A   . 0DA A 7 ? 0.1082 0.1060 0.1196 0.0168  -0.0051 0.0212  7   0DA A C8A   
123 N  N9A   . 0DA A 7 ? 0.0936 0.1081 0.1136 0.0064  0.0013  0.0170  7   0DA A N9A   
124 C  C4A   . 0DA A 7 ? 0.0967 0.1020 0.1041 0.0179  -0.0047 0.0270  7   0DA A C4A   
125 C  C5A   . 0DA A 7 ? 0.0965 0.1017 0.1172 0.0196  0.0005  0.0225  7   0DA A C5A   
126 N  N7A   . 0DA A 7 ? 0.1003 0.1007 0.1186 0.0083  0.0011  0.0245  7   0DA A N7A   
127 N  N3A   . 0DA A 7 ? 0.0919 0.1071 0.1063 0.0182  -0.0043 0.0218  7   0DA A N3A   
128 C  C2A   . 0DA A 7 ? 0.0890 0.1000 0.1166 0.0117  0.0089  0.0311  7   0DA A C2A   
129 N  N1A   . 0DA A 7 ? 0.0984 0.0988 0.1138 0.0152  0.0039  0.0309  7   0DA A N1A   
130 C  C6A   . 0DA A 7 ? 0.0866 0.0970 0.1252 0.0207  -0.0003 0.0292  7   0DA A C6A   
131 N  N6A   . 0DA A 7 ? 0.0984 0.0992 0.1348 0.0197  0.0048  0.0195  7   0DA A N6A   
132 C  "C4'" . 0DA A 7 ? 0.1148 0.1197 0.1472 -0.0026 -0.0029 0.0055  7   0DA A "C4'" 
133 O  "O4'" . 0DA A 7 ? 0.1153 0.1218 0.1293 -0.0101 -0.0016 0.0066  7   0DA A "O4'" 
134 C  "C3'" . 0DA A 7 ? 0.1218 0.1128 0.1851 -0.0018 -0.0035 0.0099  7   0DA A "C3'" 
135 C  "C2'" . 0DA A 7 ? 0.1262 0.1129 0.1674 -0.0059 -0.0115 0.0205  7   0DA A "C2'" 
136 C  "C1'" . 0DA A 7 ? 0.1109 0.1100 0.1319 -0.0095 0.0047  0.0194  7   0DA A "C1'" 
137 O  "O3'" . 0DA A 7 ? 0.1191 0.1123 0.2263 0.0075  0.0094  0.0013  7   0DA A "O3'" 
138 C  "C5'" . 0DA A 7 ? 0.1097 0.1157 0.1389 0.0006  -0.0136 0.0076  7   0DA A "C5'" 
139 O  "O5'" . 0DA A 7 ? 0.1001 0.1145 0.1304 0.0049  -0.0023 0.0030  7   0DA A "O5'" 
140 P  P     . 0DA A 7 ? 0.1047 0.1055 0.1384 -0.0018 0.0129  0.0190  7   0DA A P     
141 O  OP2   . 0DA A 7 ? 0.1144 0.1180 0.1900 0.0037  0.0157  0.0219  7   0DA A OP2   
142 O  OP1   . 0DA A 7 ? 0.1568 0.1101 0.1217 0.0075  0.0062  0.0147  7   0DA A OP1   
143 P  P     . 0DC A 8 ? 0.1362 0.1121 0.2780 0.0069  0.0208  0.0143  8   0DC A P     
144 O  OP1   . 0DC A 8 ? 0.1782 0.1306 0.2680 0.0126  0.0407  0.0163  8   0DC A OP1   
145 O  OP2   . 0DC A 8 ? 0.1611 0.1220 0.3104 0.0071  -0.0041 0.0024  8   0DC A OP2   
146 O  "O5'" . 0DC A 8 ? 0.1338 0.1195 0.2280 0.0094  0.0150  -0.0041 8   0DC A "O5'" 
147 C  "C5'" . 0DC A 8 ? 0.1307 0.1177 0.1944 0.0044  -0.0038 -0.0066 8   0DC A "C5'" 
148 C  "C4'" . 0DC A 8 ? 0.1273 0.1111 0.2019 0.0039  -0.0373 0.0023  8   0DC A "C4'" 
149 O  "O4'" . 0DC A 8 ? 0.1383 0.1102 0.1968 0.0075  -0.0695 0.0115  8   0DC A "O4'" 
150 C  "C3'" . 0DC A 8 ? 0.1454 0.1122 0.2420 0.0115  -0.0414 0.0063  8   0DC A "C3'" 
151 O  "O3'" . 0DC A 8 ? 0.1550 0.1126 0.2611 0.0108  -0.0312 -0.0008 8   0DC A "O3'" 
152 C  "C2'" . 0DC A 8 ? 0.1462 0.1156 0.2571 0.0055  -0.0519 0.0063  8   0DC A "C2'" 
153 C  "C1'" . 0DC A 8 ? 0.1310 0.1153 0.2015 0.0041  -0.0575 0.0159  8   0DC A "C1'" 
154 N  N1    . 0DC A 8 ? 0.1247 0.1276 0.1636 -0.0038 -0.0428 0.0232  8   0DC A N1    
155 C  C2    . 0DC A 8 ? 0.1142 0.1302 0.1535 -0.0062 -0.0443 0.0210  8   0DC A C2    
156 O  O2    . 0DC A 8 ? 0.1320 0.1403 0.1550 0.0023  -0.0376 0.0024  8   0DC A O2    
157 N  N3    . 0DC A 8 ? 0.1118 0.1332 0.1332 -0.0025 -0.0397 0.0354  8   0DC A N3    
158 C  C4    . 0DC A 8 ? 0.1223 0.1342 0.1262 -0.0046 -0.0366 0.0453  8   0DC A C4    
159 N  N4    . 0DC A 8 ? 0.1119 0.1460 0.1337 0.0067  -0.0319 0.0375  8   0DC A N4    
160 C  C5    . 0DC A 8 ? 0.1192 0.1344 0.1615 -0.0065 -0.0416 0.0426  8   0DC A C5    
161 C  C6    . 0DC A 8 ? 0.1275 0.1297 0.1542 -0.0090 -0.0492 0.0391  8   0DC A C6    
162 MG MG    . MG  B . ? 0.1186 0.1033 0.1966 0.0081  -0.0283 -0.0105 101 MG  A MG    
163 O  O     . HOH C . ? 0.6285 0.2978 0.2058 -0.1944 0.0874  -0.0480 201 HOH A O     
164 O  O     . HOH C . ? 0.2491 0.3816 0.2336 -0.1074 -0.0704 0.1173  202 HOH A O     
165 O  O     . HOH C . ? 0.4232 0.5445 0.3426 -0.0886 -0.0651 0.1707  203 HOH A O     
166 O  O     . HOH C . ? 0.1840 0.2810 0.2890 -0.0601 0.0544  -0.0651 204 HOH A O     
167 O  O     . HOH C . ? 0.2544 0.2914 0.7002 0.0279  -0.0790 -0.2119 205 HOH A O     
168 O  O     . HOH C . ? 0.3055 0.5068 0.7386 0.0010  0.1246  0.1190  206 HOH A O     
169 O  O     . HOH C . ? 0.4973 0.4557 0.3976 -0.0177 0.1311  -0.0549 207 HOH A O     
170 O  O     . HOH C . ? 0.4781 0.3354 0.2966 0.0159  0.0262  -0.1297 208 HOH A O     
171 O  O     . HOH C . ? 0.1729 0.1682 0.3657 0.0149  0.0103  0.0387  209 HOH A O     
172 O  O     . HOH C . ? 0.1425 0.1730 0.4692 0.0344  -0.0380 -0.0229 210 HOH A O     
173 O  O     . HOH C . ? 0.5613 0.2566 0.2003 -0.0840 -0.0845 -0.0381 211 HOH A O     
174 O  O     . HOH C . ? 0.1657 0.1781 0.3056 -0.0456 0.0132  -0.0488 212 HOH A O     
175 O  O     . HOH C . ? 0.2131 0.1321 0.3707 0.0145  0.0442  -0.0006 213 HOH A O     
176 O  O     . HOH C . ? 0.8592 0.2419 0.5758 -0.0055 -0.1978 0.0224  214 HOH A O     
177 O  O     . HOH C . ? 0.2350 0.1405 0.2854 -0.0104 -0.0123 0.0198  215 HOH A O     
178 O  O     . HOH C . ? 0.7084 0.8330 0.3434 -0.2191 -0.1802 0.1333  216 HOH A O     
179 O  O     . HOH C . ? 0.6368 0.4535 0.3200 -0.0121 -0.0868 -0.0402 217 HOH A O     
180 O  O     . HOH C . ? 0.3015 0.2953 0.5129 -0.1523 -0.0730 0.0641  218 HOH A O     
181 O  O     . HOH C . ? 0.2092 0.2033 0.1899 -0.0638 0.0096  -0.0027 219 HOH A O     
182 O  O     . HOH C . ? 0.2820 0.8057 0.2490 -0.1746 -0.0072 -0.0470 220 HOH A O     
183 O  O     . HOH C . ? 0.5206 0.3337 0.2485 -0.2103 -0.0843 0.0637  221 HOH A O     
184 O  O     . HOH C . ? 0.4088 0.2530 0.3022 -0.0146 -0.0531 -0.0582 222 HOH A O     
185 O  O     . HOH C . ? 0.4037 0.4363 0.3502 -0.1082 0.0470  -0.0905 223 HOH A O     
186 O  O     . HOH C . ? 0.4204 0.2726 0.3793 -0.1362 0.0460  -0.0820 224 HOH A O     
187 O  O     . HOH C . ? 0.1847 0.1884 0.1620 -0.0333 0.0187  -0.0336 225 HOH A O     
188 O  O     . HOH C . ? 0.3433 0.2632 0.4774 0.0598  -0.0271 -0.0166 226 HOH A O     
189 O  O     . HOH C . ? 0.1757 0.5500 0.2181 -0.0022 -0.0359 -0.0330 227 HOH A O     
190 O  O     . HOH C . ? 0.2379 0.1429 0.1312 -0.0761 0.0783  -0.0170 228 HOH A O     
191 O  O     . HOH C . ? 0.3017 0.2499 0.3290 -0.0318 -0.0036 0.1067  229 HOH A O     
192 O  O     . HOH C . ? 0.1961 0.1758 0.3133 -0.0166 0.0635  -0.0118 230 HOH A O     
193 O  O     . HOH C . ? 0.5285 0.5078 0.9036 0.1034  -0.2559 0.1113  231 HOH A O     
194 O  O     . HOH C . ? 0.8513 0.3514 0.3139 0.2375  -0.1908 -0.0782 232 HOH A O     
195 O  O     . HOH C . ? 0.2505 0.3057 0.4291 0.0372  0.0200  -0.0252 233 HOH A O     
196 O  O     . HOH C . ? 0.4079 0.3721 0.2347 -0.1133 0.1129  -0.1242 234 HOH A O     
197 O  O     . HOH C . ? 0.1517 0.2489 0.4003 0.0489  -0.0452 -0.1566 235 HOH A O     
198 O  O     . HOH C . ? 0.6577 0.2487 0.2420 0.1147  -0.0483 -0.0108 236 HOH A O     
199 O  O     . HOH C . ? 0.2863 0.2429 0.4477 0.0608  -0.0537 0.0407  237 HOH A O     
200 O  O     . HOH C . ? 0.3134 0.1735 0.2022 -0.0701 0.0398  -0.0156 238 HOH A O     
201 O  O     . HOH C . ? 0.1701 0.1740 0.4041 0.0120  0.0275  -0.0278 239 HOH A O     
202 O  O     . HOH C . ? 0.6097 0.9217 1.4373 0.2988  0.0256  -0.1521 240 HOH A O     
203 O  O     . HOH C . ? 0.2646 0.2819 0.2893 -0.0386 -0.1090 0.0342  241 HOH A O     
204 O  O     . HOH C . ? 0.6259 0.3323 0.5929 -0.1033 -0.0773 0.0498  242 HOH A O     
205 O  O     . HOH C . ? 0.2538 0.1891 0.1656 0.0558  0.0506  -0.0012 243 HOH A O     
206 O  O     . HOH C . ? 0.2367 0.1697 0.2230 0.0052  -0.0896 0.0064  244 HOH A O     
207 O  O     . HOH C . ? 0.4316 0.1498 0.1577 0.0081  -0.0556 0.0368  245 HOH A O     
208 O  O     . HOH C . ? 0.3932 0.2062 0.1293 -0.0862 0.0449  -0.0246 246 HOH A O     
209 O  O     . HOH C . ? 0.6464 0.4498 0.3992 -0.0847 -0.1143 0.0144  247 HOH A O     
210 O  O     . HOH C . ? 0.5073 0.1386 0.1535 0.0465  -0.0114 -0.0119 248 HOH A O     
211 O  O     . HOH C . ? 0.3294 0.1513 0.2143 0.0762  -0.0805 -0.0430 249 HOH A O     
212 O  O     . HOH C . ? 0.2474 0.5074 0.3348 0.1750  -0.0175 -0.0898 250 HOH A O     
213 O  O     . HOH C . ? 0.2567 0.2862 0.1840 0.0975  0.0816  0.1098  251 HOH A O     
214 O  O     . HOH C . ? 0.4809 0.1947 0.2775 0.0837  0.1287  0.0822  252 HOH A O     
215 O  O     . HOH C . ? 0.5613 0.7625 0.6324 0.1760  0.0606  -0.2609 253 HOH A O     
216 O  O     . HOH C . ? 0.2976 0.2183 0.1927 -0.0041 -0.0405 -0.0422 254 HOH A O     
# 
loop_
_pdbx_poly_seq_scheme.asym_id 
_pdbx_poly_seq_scheme.entity_id 
_pdbx_poly_seq_scheme.seq_id 
_pdbx_poly_seq_scheme.mon_id 
_pdbx_poly_seq_scheme.ndb_seq_num 
_pdbx_poly_seq_scheme.pdb_seq_num 
_pdbx_poly_seq_scheme.auth_seq_num 
_pdbx_poly_seq_scheme.pdb_mon_id 
_pdbx_poly_seq_scheme.auth_mon_id 
_pdbx_poly_seq_scheme.pdb_strand_id 
_pdbx_poly_seq_scheme.pdb_ins_code 
_pdbx_poly_seq_scheme.hetero 
A 1 1 0DG 1 1 1 0DG 0DG A . n 
A 1 2 XY7 2 2 2 XY7 0FU A . n 
A 1 3 0DG 3 3 3 0DG 0DG A . n 
A 1 4 0DT 4 4 4 0DT 0DT A . n 
A 1 5 0DA 5 5 5 0DA 0DA A . n 
A 1 6 0DC 6 6 6 0DC 0DC A . n 
A 1 7 0DA 7 7 7 0DA 0DA A . n 
A 1 8 0DC 8 8 8 0DC 0DC A . n 
# 
loop_
_pdbx_nonpoly_scheme.asym_id 
_pdbx_nonpoly_scheme.entity_id 
_pdbx_nonpoly_scheme.mon_id 
_pdbx_nonpoly_scheme.ndb_seq_num 
_pdbx_nonpoly_scheme.pdb_seq_num 
_pdbx_nonpoly_scheme.auth_seq_num 
_pdbx_nonpoly_scheme.pdb_mon_id 
_pdbx_nonpoly_scheme.auth_mon_id 
_pdbx_nonpoly_scheme.pdb_strand_id 
_pdbx_nonpoly_scheme.pdb_ins_code 
B 2 MG  1  101 1  MG  MG  A . 
C 3 HOH 1  201 49 HOH HOH A . 
C 3 HOH 2  202 22 HOH HOH A . 
C 3 HOH 3  203 42 HOH HOH A . 
C 3 HOH 4  204 19 HOH HOH A . 
C 3 HOH 5  205 27 HOH HOH A . 
C 3 HOH 6  206 43 HOH HOH A . 
C 3 HOH 7  207 48 HOH HOH A . 
C 3 HOH 8  208 37 HOH HOH A . 
C 3 HOH 9  209 25 HOH HOH A . 
C 3 HOH 10 210 24 HOH HOH A . 
C 3 HOH 11 211 34 HOH HOH A . 
C 3 HOH 12 212 21 HOH HOH A . 
C 3 HOH 13 213 18 HOH HOH A . 
C 3 HOH 14 214 50 HOH HOH A . 
C 3 HOH 15 215 20 HOH HOH A . 
C 3 HOH 16 216 31 HOH HOH A . 
C 3 HOH 17 217 47 HOH HOH A . 
C 3 HOH 18 218 23 HOH HOH A . 
C 3 HOH 19 219 1  HOH HOH A . 
C 3 HOH 20 220 44 HOH HOH A . 
C 3 HOH 21 221 5  HOH HOH A . 
C 3 HOH 22 222 2  HOH HOH A . 
C 3 HOH 23 223 17 HOH HOH A . 
C 3 HOH 24 224 38 HOH HOH A . 
C 3 HOH 25 225 3  HOH HOH A . 
C 3 HOH 26 226 41 HOH HOH A . 
C 3 HOH 27 227 28 HOH HOH A . 
C 3 HOH 28 228 40 HOH HOH A . 
C 3 HOH 29 229 26 HOH HOH A . 
C 3 HOH 30 230 36 HOH HOH A . 
C 3 HOH 31 231 54 HOH HOH A . 
C 3 HOH 32 232 46 HOH HOH A . 
C 3 HOH 33 233 32 HOH HOH A . 
C 3 HOH 34 234 4  HOH HOH A . 
C 3 HOH 35 235 29 HOH HOH A . 
C 3 HOH 36 236 45 HOH HOH A . 
C 3 HOH 37 237 33 HOH HOH A . 
C 3 HOH 38 238 6  HOH HOH A . 
C 3 HOH 39 239 39 HOH HOH A . 
C 3 HOH 40 240 11 HOH HOH A . 
C 3 HOH 41 241 35 HOH HOH A . 
C 3 HOH 42 242 51 HOH HOH A . 
C 3 HOH 43 243 30 HOH HOH A . 
C 3 HOH 44 244 16 HOH HOH A . 
C 3 HOH 45 245 7  HOH HOH A . 
C 3 HOH 46 246 8  HOH HOH A . 
C 3 HOH 47 247 52 HOH HOH A . 
C 3 HOH 48 248 15 HOH HOH A . 
C 3 HOH 49 249 14 HOH HOH A . 
C 3 HOH 50 250 10 HOH HOH A . 
C 3 HOH 51 251 12 HOH HOH A . 
C 3 HOH 52 252 9  HOH HOH A . 
C 3 HOH 53 253 53 HOH HOH A . 
C 3 HOH 54 254 13 HOH HOH A . 
# 
_pdbx_struct_assembly.id                   1 
_pdbx_struct_assembly.details              author_and_software_defined_assembly 
_pdbx_struct_assembly.method_details       PISA 
_pdbx_struct_assembly.oligomeric_details   monomeric 
_pdbx_struct_assembly.oligomeric_count     1 
# 
_pdbx_struct_assembly_gen.assembly_id       1 
_pdbx_struct_assembly_gen.oper_expression   1 
_pdbx_struct_assembly_gen.asym_id_list      A,B,C 
# 
_pdbx_struct_oper_list.id                   1 
_pdbx_struct_oper_list.type                 'identity operation' 
_pdbx_struct_oper_list.name                 1_555 
_pdbx_struct_oper_list.symmetry_operation   x,y,z 
_pdbx_struct_oper_list.matrix[1][1]         1.0000000000 
_pdbx_struct_oper_list.matrix[1][2]         0.0000000000 
_pdbx_struct_oper_list.matrix[1][3]         0.0000000000 
_pdbx_struct_oper_list.vector[1]            0.0000000000 
_pdbx_struct_oper_list.matrix[2][1]         0.0000000000 
_pdbx_struct_oper_list.matrix[2][2]         1.0000000000 
_pdbx_struct_oper_list.matrix[2][3]         0.0000000000 
_pdbx_struct_oper_list.vector[2]            0.0000000000 
_pdbx_struct_oper_list.matrix[3][1]         0.0000000000 
_pdbx_struct_oper_list.matrix[3][2]         0.0000000000 
_pdbx_struct_oper_list.matrix[3][3]         1.0000000000 
_pdbx_struct_oper_list.vector[3]            0.0000000000 
# 
_pdbx_struct_special_symmetry.id              1 
_pdbx_struct_special_symmetry.PDB_model_num   1 
_pdbx_struct_special_symmetry.auth_asym_id    A 
_pdbx_struct_special_symmetry.auth_comp_id    HOH 
_pdbx_struct_special_symmetry.auth_seq_id     223 
_pdbx_struct_special_symmetry.PDB_ins_code    ? 
_pdbx_struct_special_symmetry.label_asym_id   C 
_pdbx_struct_special_symmetry.label_comp_id   HOH 
_pdbx_struct_special_symmetry.label_seq_id    . 
# 
loop_
_pdbx_struct_conn_angle.id 
_pdbx_struct_conn_angle.ptnr1_label_atom_id 
_pdbx_struct_conn_angle.ptnr1_label_alt_id 
_pdbx_struct_conn_angle.ptnr1_label_asym_id 
_pdbx_struct_conn_angle.ptnr1_label_comp_id 
_pdbx_struct_conn_angle.ptnr1_label_seq_id 
_pdbx_struct_conn_angle.ptnr1_auth_atom_id 
_pdbx_struct_conn_angle.ptnr1_auth_asym_id 
_pdbx_struct_conn_angle.ptnr1_auth_comp_id 
_pdbx_struct_conn_angle.ptnr1_auth_seq_id 
_pdbx_struct_conn_angle.ptnr1_PDB_ins_code 
_pdbx_struct_conn_angle.ptnr1_symmetry 
_pdbx_struct_conn_angle.ptnr2_label_atom_id 
_pdbx_struct_conn_angle.ptnr2_label_alt_id 
_pdbx_struct_conn_angle.ptnr2_label_asym_id 
_pdbx_struct_conn_angle.ptnr2_label_comp_id 
_pdbx_struct_conn_angle.ptnr2_label_seq_id 
_pdbx_struct_conn_angle.ptnr2_auth_atom_id 
_pdbx_struct_conn_angle.ptnr2_auth_asym_id 
_pdbx_struct_conn_angle.ptnr2_auth_comp_id 
_pdbx_struct_conn_angle.ptnr2_auth_seq_id 
_pdbx_struct_conn_angle.ptnr2_PDB_ins_code 
_pdbx_struct_conn_angle.ptnr2_symmetry 
_pdbx_struct_conn_angle.ptnr3_label_atom_id 
_pdbx_struct_conn_angle.ptnr3_label_alt_id 
_pdbx_struct_conn_angle.ptnr3_label_asym_id 
_pdbx_struct_conn_angle.ptnr3_label_comp_id 
_pdbx_struct_conn_angle.ptnr3_label_seq_id 
_pdbx_struct_conn_angle.ptnr3_auth_atom_id 
_pdbx_struct_conn_angle.ptnr3_auth_asym_id 
_pdbx_struct_conn_angle.ptnr3_auth_comp_id 
_pdbx_struct_conn_angle.ptnr3_auth_seq_id 
_pdbx_struct_conn_angle.ptnr3_PDB_ins_code 
_pdbx_struct_conn_angle.ptnr3_symmetry 
_pdbx_struct_conn_angle.value 
_pdbx_struct_conn_angle.value_esd 
1  O ? C HOH . ? A HOH 213 ? 10_555 MG ? B MG . ? A MG 101 ? 1_555 O ? C HOH . ? A HOH 215 ? 1_555  174.5 ? 
2  O ? C HOH . ? A HOH 213 ? 10_555 MG ? B MG . ? A MG 101 ? 1_555 O ? C HOH . ? A HOH 215 ? 10_555 88.5  ? 
3  O ? C HOH . ? A HOH 215 ? 1_555  MG ? B MG . ? A MG 101 ? 1_555 O ? C HOH . ? A HOH 215 ? 10_555 86.5  ? 
4  O ? C HOH . ? A HOH 213 ? 10_555 MG ? B MG . ? A MG 101 ? 1_555 O ? C HOH . ? A HOH 218 ? 1_555  96.1  ? 
5  O ? C HOH . ? A HOH 215 ? 1_555  MG ? B MG . ? A MG 101 ? 1_555 O ? C HOH . ? A HOH 218 ? 1_555  83.2  ? 
6  O ? C HOH . ? A HOH 215 ? 10_555 MG ? B MG . ? A MG 101 ? 1_555 O ? C HOH . ? A HOH 218 ? 1_555  106.4 ? 
7  O ? C HOH . ? A HOH 213 ? 10_555 MG ? B MG . ? A MG 101 ? 1_555 O ? C HOH . ? A HOH 229 ? 10_555 94.2  ? 
8  O ? C HOH . ? A HOH 215 ? 1_555  MG ? B MG . ? A MG 101 ? 1_555 O ? C HOH . ? A HOH 229 ? 10_555 91.1  ? 
9  O ? C HOH . ? A HOH 215 ? 10_555 MG ? B MG . ? A MG 101 ? 1_555 O ? C HOH . ? A HOH 229 ? 10_555 171.1 ? 
10 O ? C HOH . ? A HOH 218 ? 1_555  MG ? B MG . ? A MG 101 ? 1_555 O ? C HOH . ? A HOH 229 ? 10_555 81.8  ? 
11 O ? C HOH . ? A HOH 213 ? 10_555 MG ? B MG . ? A MG 101 ? 1_555 O ? C HOH . ? A HOH 231 ? 1_555  87.2  ? 
12 O ? C HOH . ? A HOH 215 ? 1_555  MG ? B MG . ? A MG 101 ? 1_555 O ? C HOH . ? A HOH 231 ? 1_555  95.0  ? 
13 O ? C HOH . ? A HOH 215 ? 10_555 MG ? B MG . ? A MG 101 ? 1_555 O ? C HOH . ? A HOH 231 ? 1_555  89.9  ? 
14 O ? C HOH . ? A HOH 218 ? 1_555  MG ? B MG . ? A MG 101 ? 1_555 O ? C HOH . ? A HOH 231 ? 1_555  163.4 ? 
15 O ? C HOH . ? A HOH 229 ? 10_555 MG ? B MG . ? A MG 101 ? 1_555 O ? C HOH . ? A HOH 231 ? 1_555  81.8  ? 
16 O ? C HOH . ? A HOH 213 ? 10_555 MG ? B MG . ? A MG 101 ? 1_555 O ? C HOH . ? A HOH 231 ? 10_555 105.2 ? 
17 O ? C HOH . ? A HOH 215 ? 1_555  MG ? B MG . ? A MG 101 ? 1_555 O ? C HOH . ? A HOH 231 ? 10_555 77.8  ? 
18 O ? C HOH . ? A HOH 215 ? 10_555 MG ? B MG . ? A MG 101 ? 1_555 O ? C HOH . ? A HOH 231 ? 10_555 99.0  ? 
19 O ? C HOH . ? A HOH 218 ? 1_555  MG ? B MG . ? A MG 101 ? 1_555 O ? C HOH . ? A HOH 231 ? 10_555 147.2 ? 
20 O ? C HOH . ? A HOH 229 ? 10_555 MG ? B MG . ? A MG 101 ? 1_555 O ? C HOH . ? A HOH 231 ? 10_555 72.2  ? 
21 O ? C HOH . ? A HOH 231 ? 1_555  MG ? B MG . ? A MG 101 ? 1_555 O ? C HOH . ? A HOH 231 ? 10_555 20.0  ? 
# 
loop_
_pdbx_audit_revision_history.ordinal 
_pdbx_audit_revision_history.data_content_type 
_pdbx_audit_revision_history.major_revision 
_pdbx_audit_revision_history.minor_revision 
_pdbx_audit_revision_history.revision_date 
1 'Structure model' 1 0 2021-09-01 
2 'Structure model' 1 1 2022-03-16 
3 'Structure model' 1 2 2023-10-18 
# 
_pdbx_audit_revision_details.ordinal             1 
_pdbx_audit_revision_details.revision_ordinal    1 
_pdbx_audit_revision_details.data_content_type   'Structure model' 
_pdbx_audit_revision_details.provider            repository 
_pdbx_audit_revision_details.type                'Initial release' 
_pdbx_audit_revision_details.description         ? 
_pdbx_audit_revision_details.details             ? 
# 
loop_
_pdbx_audit_revision_group.ordinal 
_pdbx_audit_revision_group.revision_ordinal 
_pdbx_audit_revision_group.data_content_type 
_pdbx_audit_revision_group.group 
1 2 'Structure model' 'Database references'    
2 3 'Structure model' 'Data collection'        
3 3 'Structure model' 'Refinement description' 
# 
loop_
_pdbx_audit_revision_category.ordinal 
_pdbx_audit_revision_category.revision_ordinal 
_pdbx_audit_revision_category.data_content_type 
_pdbx_audit_revision_category.category 
1 2 'Structure model' citation                      
2 2 'Structure model' citation_author               
3 3 'Structure model' chem_comp_atom                
4 3 'Structure model' chem_comp_bond                
5 3 'Structure model' pdbx_initial_refinement_model 
# 
loop_
_pdbx_audit_revision_item.ordinal 
_pdbx_audit_revision_item.revision_ordinal 
_pdbx_audit_revision_item.data_content_type 
_pdbx_audit_revision_item.item 
1  2 'Structure model' '_citation.country'                 
2  2 'Structure model' '_citation.journal_abbrev'          
3  2 'Structure model' '_citation.journal_id_CSD'          
4  2 'Structure model' '_citation.journal_id_ISSN'         
5  2 'Structure model' '_citation.journal_volume'          
6  2 'Structure model' '_citation.page_first'              
7  2 'Structure model' '_citation.page_last'               
8  2 'Structure model' '_citation.pdbx_database_id_DOI'    
9  2 'Structure model' '_citation.pdbx_database_id_PubMed' 
10 2 'Structure model' '_citation.title'                   
11 2 'Structure model' '_citation.year'                    
# 
loop_
_software.citation_id 
_software.classification 
_software.compiler_name 
_software.compiler_version 
_software.contact_author 
_software.contact_author_email 
_software.date 
_software.description 
_software.dependencies 
_software.hardware 
_software.language 
_software.location 
_software.mods 
_software.name 
_software.os 
_software.os_version 
_software.type 
_software.version 
_software.pdbx_ordinal 
? refinement       ? ? ? ? ? ? ? ? ? ? ? PHENIX ? ? ? 1.9_1692 1 
? 'data reduction' ? ? ? ? ? ? ? ? ? ? ? XDS    ? ? ? .        2 
? 'data scaling'   ? ? ? ? ? ? ? ? ? ? ? XDS    ? ? ? .        3 
? phasing          ? ? ? ? ? ? ? ? ? ? ? PHASER ? ? ? .        4 
# 
_pdbx_entry_details.entry_id                 7KW4 
_pdbx_entry_details.nonpolymer_details       ? 
_pdbx_entry_details.sequence_details         ? 
_pdbx_entry_details.compound_details         ? 
_pdbx_entry_details.source_details           ? 
_pdbx_entry_details.has_ligand_of_interest   Y 
# 
loop_
_pdbx_distant_solvent_atoms.id 
_pdbx_distant_solvent_atoms.PDB_model_num 
_pdbx_distant_solvent_atoms.auth_atom_id 
_pdbx_distant_solvent_atoms.label_alt_id 
_pdbx_distant_solvent_atoms.auth_asym_id 
_pdbx_distant_solvent_atoms.auth_comp_id 
_pdbx_distant_solvent_atoms.auth_seq_id 
_pdbx_distant_solvent_atoms.PDB_ins_code 
_pdbx_distant_solvent_atoms.neighbor_macromolecule_distance 
_pdbx_distant_solvent_atoms.neighbor_ligand_distance 
1  1 O ? A HOH 232 ? 5.89  . 
2  1 O ? A HOH 233 ? 6.61  . 
3  1 O ? A HOH 234 ? 6.84  . 
4  1 O ? A HOH 235 ? 6.94  . 
5  1 O ? A HOH 236 ? 7.35  . 
6  1 O ? A HOH 237 ? 7.98  . 
7  1 O ? A HOH 238 ? 7.99  . 
8  1 O ? A HOH 239 ? 8.34  . 
9  1 O ? A HOH 240 ? 9.24  . 
10 1 O ? A HOH 241 ? 9.88  . 
11 1 O ? A HOH 242 ? 9.90  . 
12 1 O ? A HOH 243 ? 10.80 . 
13 1 O ? A HOH 244 ? 11.20 . 
14 1 O ? A HOH 245 ? 11.90 . 
15 1 O ? A HOH 246 ? 13.61 . 
16 1 O ? A HOH 247 ? 15.12 . 
17 1 O ? A HOH 248 ? 15.13 . 
18 1 O ? A HOH 249 ? 15.75 . 
19 1 O ? A HOH 250 ? 17.31 . 
20 1 O ? A HOH 251 ? 17.79 . 
21 1 O ? A HOH 252 ? 17.88 . 
22 1 O ? A HOH 253 ? 19.80 . 
23 1 O ? A HOH 254 ? 19.96 . 
# 
loop_
_chem_comp_atom.comp_id 
_chem_comp_atom.atom_id 
_chem_comp_atom.type_symbol 
_chem_comp_atom.pdbx_aromatic_flag 
_chem_comp_atom.pdbx_stereo_config 
_chem_comp_atom.pdbx_ordinal 
0DA C8A    C  Y N 1   
0DA N9A    N  Y N 2   
0DA C4A    C  Y N 3   
0DA C5A    C  Y N 4   
0DA N7A    N  Y N 5   
0DA N3A    N  Y N 6   
0DA C2A    C  Y N 7   
0DA N1A    N  Y N 8   
0DA C6A    C  Y N 9   
0DA N6A    N  N N 10  
0DA "C4'"  C  N S 11  
0DA "O4'"  O  N N 12  
0DA "C3'"  C  N R 13  
0DA "C2'"  C  N N 14  
0DA "C1'"  C  N S 15  
0DA "O3'"  O  N N 16  
0DA "C5'"  C  N N 17  
0DA "O5'"  O  N N 18  
0DA P      P  N N 19  
0DA OP2    O  N N 20  
0DA OP3    O  N N 21  
0DA OP1    O  N N 22  
0DA H8A    H  N N 23  
0DA H2A    H  N N 24  
0DA HN61   H  N N 25  
0DA HN62   H  N N 26  
0DA "H4'"  H  N N 27  
0DA "H3'"  H  N N 28  
0DA "H2'"  H  N N 29  
0DA "H2''" H  N N 30  
0DA "H1'"  H  N N 31  
0DA "HO3'" H  N N 32  
0DA "H5'"  H  N N 33  
0DA "H5''" H  N N 34  
0DA H2P    H  N N 35  
0DA HOP3   H  N N 36  
0DC OP3    O  N N 37  
0DC P      P  N N 38  
0DC OP1    O  N N 39  
0DC OP2    O  N N 40  
0DC "O5'"  O  N N 41  
0DC "C5'"  C  N N 42  
0DC "C4'"  C  N S 43  
0DC "O4'"  O  N N 44  
0DC "C3'"  C  N R 45  
0DC "O3'"  O  N N 46  
0DC "C2'"  C  N N 47  
0DC "C1'"  C  N S 48  
0DC N1     N  N N 49  
0DC C2     C  N N 50  
0DC O2     O  N N 51  
0DC N3     N  N N 52  
0DC C4     C  N N 53  
0DC N4     N  N N 54  
0DC C5     C  N N 55  
0DC C6     C  N N 56  
0DC HOP3   H  N N 57  
0DC HOP2   H  N N 58  
0DC "H5'"  H  N N 59  
0DC "H5''" H  N N 60  
0DC "H4'"  H  N N 61  
0DC "H3'"  H  N N 62  
0DC "HO3'" H  N N 63  
0DC "H2'"  H  N N 64  
0DC "H2''" H  N N 65  
0DC "H1'"  H  N N 66  
0DC H41    H  N N 67  
0DC H42    H  N N 68  
0DC H5     H  N N 69  
0DC H6     H  N N 70  
0DG OP3    O  N N 71  
0DG P      P  N N 72  
0DG OP1    O  N N 73  
0DG OP2    O  N N 74  
0DG "O5'"  O  N N 75  
0DG "C5'"  C  N N 76  
0DG "C4'"  C  N S 77  
0DG "O4'"  O  N N 78  
0DG "C3'"  C  N R 79  
0DG "O3'"  O  N N 80  
0DG "C2'"  C  N N 81  
0DG "C1'"  C  N S 82  
0DG N9     N  Y N 83  
0DG C8     C  Y N 84  
0DG N7     N  Y N 85  
0DG C5     C  Y N 86  
0DG C6     C  N N 87  
0DG O6     O  N N 88  
0DG N1     N  N N 89  
0DG C2     C  N N 90  
0DG N2     N  N N 91  
0DG N3     N  N N 92  
0DG C4     C  Y N 93  
0DG HOP3   H  N N 94  
0DG HOP2   H  N N 95  
0DG "H5'"  H  N N 96  
0DG "H5''" H  N N 97  
0DG "H4'"  H  N N 98  
0DG "H3'"  H  N N 99  
0DG "HO3'" H  N N 100 
0DG "H2'"  H  N N 101 
0DG "H2''" H  N N 102 
0DG "H1'"  H  N N 103 
0DG H8     H  N N 104 
0DG H1     H  N N 105 
0DG H21    H  N N 106 
0DG H22    H  N N 107 
0DT OP3    O  N N 108 
0DT P      P  N N 109 
0DT OP1    O  N N 110 
0DT OP2    O  N N 111 
0DT "O5'"  O  N N 112 
0DT "C5'"  C  N N 113 
0DT "C4'"  C  N S 114 
0DT "O4'"  O  N N 115 
0DT "C3'"  C  N R 116 
0DT "O3'"  O  N N 117 
0DT "C2'"  C  N N 118 
0DT "C1'"  C  N S 119 
0DT N1     N  N N 120 
0DT C2     C  N N 121 
0DT O2     O  N N 122 
0DT N3     N  N N 123 
0DT C4     C  N N 124 
0DT O4     O  N N 125 
0DT C5     C  N N 126 
0DT C5M    C  N N 127 
0DT C6     C  N N 128 
0DT HOP3   H  N N 129 
0DT HOP2   H  N N 130 
0DT "H5'"  H  N N 131 
0DT "H5''" H  N N 132 
0DT "H4'"  H  N N 133 
0DT "H3'"  H  N N 134 
0DT "HO3'" H  N N 135 
0DT "H2'"  H  N N 136 
0DT "H2''" H  N N 137 
0DT "H1'"  H  N N 138 
0DT H3     H  N N 139 
0DT H71    H  N N 140 
0DT H72    H  N N 141 
0DT H73    H  N N 142 
0DT H6     H  N N 143 
HOH O      O  N N 144 
HOH H1     H  N N 145 
HOH H2     H  N N 146 
MG  MG     MG N N 147 
XY7 C4     C  N N 148 
XY7 N3     N  N N 149 
XY7 C2     C  N N 150 
XY7 N1     N  N N 151 
XY7 C6     C  N N 152 
XY7 C5     C  N N 153 
XY7 O4     O  N N 154 
XY7 O2     O  N N 155 
XY7 "C1'"  C  N S 156 
XY7 "O4'"  O  N N 157 
XY7 "C2'"  C  N S 158 
XY7 "F2'"  F  N N 159 
XY7 "C3'"  C  N S 160 
XY7 "O3'"  O  N N 161 
XY7 "C4'"  C  N S 162 
XY7 "C5'"  C  N N 163 
XY7 "O5'"  O  N N 164 
XY7 P      P  N N 165 
XY7 OP1    O  N N 166 
XY7 OP2    O  N N 167 
XY7 H1     H  N N 168 
XY7 H2     H  N N 169 
XY7 H3     H  N N 170 
XY7 H4     H  N N 171 
XY7 H5     H  N N 172 
XY7 H6     H  N N 173 
XY7 H7     H  N N 174 
XY7 H8     H  N N 175 
XY7 H9     H  N N 176 
XY7 H10    H  N N 177 
XY7 H11    H  N N 178 
XY7 H12    H  N N 179 
# 
loop_
_chem_comp_bond.comp_id 
_chem_comp_bond.atom_id_1 
_chem_comp_bond.atom_id_2 
_chem_comp_bond.value_order 
_chem_comp_bond.pdbx_aromatic_flag 
_chem_comp_bond.pdbx_stereo_config 
_chem_comp_bond.pdbx_ordinal 
0DA C8A   N9A    sing Y N 1   
0DA C8A   N7A    doub Y N 2   
0DA N9A   C4A    sing Y N 3   
0DA N9A   "C1'"  sing N N 4   
0DA C4A   C5A    doub Y N 5   
0DA C4A   N3A    sing Y N 6   
0DA C5A   N7A    sing Y N 7   
0DA C5A   C6A    sing Y N 8   
0DA N3A   C2A    doub Y N 9   
0DA C2A   N1A    sing Y N 10  
0DA N1A   C6A    doub Y N 11  
0DA C6A   N6A    sing N N 12  
0DA "C4'" "O4'"  sing N N 13  
0DA "C4'" "C3'"  sing N N 14  
0DA "O4'" "C1'"  sing N N 15  
0DA "C3'" "C2'"  sing N N 16  
0DA "C2'" "C1'"  sing N N 17  
0DA "C3'" "O3'"  sing N N 18  
0DA "C4'" "C5'"  sing N N 19  
0DA "C5'" "O5'"  sing N N 20  
0DA "O5'" P      sing N N 21  
0DA P     OP2    sing N N 22  
0DA P     OP3    sing N N 23  
0DA P     OP1    doub N N 24  
0DA C8A   H8A    sing N N 25  
0DA C2A   H2A    sing N N 26  
0DA N6A   HN61   sing N N 27  
0DA N6A   HN62   sing N N 28  
0DA "C4'" "H4'"  sing N N 29  
0DA "C3'" "H3'"  sing N N 30  
0DA "C2'" "H2'"  sing N N 31  
0DA "C2'" "H2''" sing N N 32  
0DA "C1'" "H1'"  sing N N 33  
0DA "O3'" "HO3'" sing N N 34  
0DA "C5'" "H5'"  sing N N 35  
0DA "C5'" "H5''" sing N N 36  
0DA OP2   H2P    sing N N 37  
0DA OP3   HOP3   sing N N 38  
0DC OP3   P      sing N N 39  
0DC OP3   HOP3   sing N N 40  
0DC P     OP1    doub N N 41  
0DC P     OP2    sing N N 42  
0DC P     "O5'"  sing N N 43  
0DC OP2   HOP2   sing N N 44  
0DC "O5'" "C5'"  sing N N 45  
0DC "C5'" "C4'"  sing N N 46  
0DC "C5'" "H5'"  sing N N 47  
0DC "C5'" "H5''" sing N N 48  
0DC "C4'" "O4'"  sing N N 49  
0DC "C4'" "C3'"  sing N N 50  
0DC "C4'" "H4'"  sing N N 51  
0DC "O4'" "C1'"  sing N N 52  
0DC "C3'" "O3'"  sing N N 53  
0DC "C3'" "C2'"  sing N N 54  
0DC "C3'" "H3'"  sing N N 55  
0DC "O3'" "HO3'" sing N N 56  
0DC "C2'" "C1'"  sing N N 57  
0DC "C2'" "H2'"  sing N N 58  
0DC "C2'" "H2''" sing N N 59  
0DC "C1'" N1     sing N N 60  
0DC "C1'" "H1'"  sing N N 61  
0DC N1    C2     sing N N 62  
0DC N1    C6     sing N N 63  
0DC C2    O2     doub N N 64  
0DC C2    N3     sing N N 65  
0DC N3    C4     doub N N 66  
0DC C4    N4     sing N N 67  
0DC C4    C5     sing N N 68  
0DC N4    H41    sing N N 69  
0DC N4    H42    sing N N 70  
0DC C5    C6     doub N N 71  
0DC C5    H5     sing N N 72  
0DC C6    H6     sing N N 73  
0DG OP3   P      sing N N 74  
0DG OP3   HOP3   sing N N 75  
0DG P     OP1    doub N N 76  
0DG P     OP2    sing N N 77  
0DG P     "O5'"  sing N N 78  
0DG OP2   HOP2   sing N N 79  
0DG "O5'" "C5'"  sing N N 80  
0DG "C5'" "C4'"  sing N N 81  
0DG "C5'" "H5'"  sing N N 82  
0DG "C5'" "H5''" sing N N 83  
0DG "C4'" "O4'"  sing N N 84  
0DG "C4'" "C3'"  sing N N 85  
0DG "C4'" "H4'"  sing N N 86  
0DG "O4'" "C1'"  sing N N 87  
0DG "C3'" "O3'"  sing N N 88  
0DG "C3'" "C2'"  sing N N 89  
0DG "C3'" "H3'"  sing N N 90  
0DG "O3'" "HO3'" sing N N 91  
0DG "C2'" "C1'"  sing N N 92  
0DG "C2'" "H2'"  sing N N 93  
0DG "C2'" "H2''" sing N N 94  
0DG "C1'" N9     sing N N 95  
0DG "C1'" "H1'"  sing N N 96  
0DG N9    C8     sing Y N 97  
0DG N9    C4     sing Y N 98  
0DG C8    N7     doub Y N 99  
0DG C8    H8     sing N N 100 
0DG N7    C5     sing Y N 101 
0DG C5    C6     sing N N 102 
0DG C5    C4     doub Y N 103 
0DG C6    O6     doub N N 104 
0DG C6    N1     sing N N 105 
0DG N1    C2     sing N N 106 
0DG N1    H1     sing N N 107 
0DG C2    N2     sing N N 108 
0DG C2    N3     doub N N 109 
0DG N2    H21    sing N N 110 
0DG N2    H22    sing N N 111 
0DG N3    C4     sing N N 112 
0DT OP3   P      sing N N 113 
0DT OP3   HOP3   sing N N 114 
0DT P     OP1    doub N N 115 
0DT P     OP2    sing N N 116 
0DT P     "O5'"  sing N N 117 
0DT OP2   HOP2   sing N N 118 
0DT "O5'" "C5'"  sing N N 119 
0DT "C5'" "C4'"  sing N N 120 
0DT "C5'" "H5'"  sing N N 121 
0DT "C5'" "H5''" sing N N 122 
0DT "C4'" "O4'"  sing N N 123 
0DT "C4'" "C3'"  sing N N 124 
0DT "C4'" "H4'"  sing N N 125 
0DT "O4'" "C1'"  sing N N 126 
0DT "C3'" "O3'"  sing N N 127 
0DT "C3'" "C2'"  sing N N 128 
0DT "C3'" "H3'"  sing N N 129 
0DT "O3'" "HO3'" sing N N 130 
0DT "C2'" "C1'"  sing N N 131 
0DT "C2'" "H2'"  sing N N 132 
0DT "C2'" "H2''" sing N N 133 
0DT "C1'" N1     sing N N 134 
0DT "C1'" "H1'"  sing N N 135 
0DT N1    C2     sing N N 136 
0DT N1    C6     sing N N 137 
0DT C2    O2     doub N N 138 
0DT C2    N3     sing N N 139 
0DT N3    C4     sing N N 140 
0DT N3    H3     sing N N 141 
0DT C4    O4     doub N N 142 
0DT C4    C5     sing N N 143 
0DT C5    C5M    sing N N 144 
0DT C5    C6     doub N N 145 
0DT C5M   H71    sing N N 146 
0DT C5M   H72    sing N N 147 
0DT C5M   H73    sing N N 148 
0DT C6    H6     sing N N 149 
HOH O     H1     sing N N 150 
HOH O     H2     sing N N 151 
XY7 OP1   P      sing N N 152 
XY7 O4    C4     doub N N 153 
XY7 P     OP2    sing N N 154 
XY7 P     "O5'"  sing N N 155 
XY7 C5    C4     sing N N 156 
XY7 C5    C6     doub N N 157 
XY7 C4    N3     sing N N 158 
XY7 "O5'" "C5'"  sing N N 159 
XY7 C6    N1     sing N N 160 
XY7 N3    C2     sing N N 161 
XY7 "C5'" "C4'"  sing N N 162 
XY7 N1    C2     sing N N 163 
XY7 N1    "C1'"  sing N N 164 
XY7 "O3'" "C3'"  sing N N 165 
XY7 "C3'" "C4'"  sing N N 166 
XY7 "C3'" "C2'"  sing N N 167 
XY7 C2    O2     doub N N 168 
XY7 "C4'" "O4'"  sing N N 169 
XY7 "C2'" "C1'"  sing N N 170 
XY7 "C2'" "F2'"  sing N N 171 
XY7 "O4'" "C1'"  sing N N 172 
XY7 N3    H1     sing N N 173 
XY7 C6    H2     sing N N 174 
XY7 C5    H3     sing N N 175 
XY7 "C1'" H4     sing N N 176 
XY7 "C2'" H5     sing N N 177 
XY7 "C3'" H6     sing N N 178 
XY7 "O3'" H7     sing N N 179 
XY7 "C4'" H8     sing N N 180 
XY7 "C5'" H9     sing N N 181 
XY7 "C5'" H10    sing N N 182 
XY7 OP1   H11    sing N N 183 
XY7 OP2   H12    sing N N 184 
# 
_ndb_struct_conf_na.entry_id   7KW4 
_ndb_struct_conf_na.feature    'z-form double helix' 
# 
loop_
_ndb_struct_na_base_pair.model_number 
_ndb_struct_na_base_pair.i_label_asym_id 
_ndb_struct_na_base_pair.i_label_comp_id 
_ndb_struct_na_base_pair.i_label_seq_id 
_ndb_struct_na_base_pair.i_symmetry 
_ndb_struct_na_base_pair.j_label_asym_id 
_ndb_struct_na_base_pair.j_label_comp_id 
_ndb_struct_na_base_pair.j_label_seq_id 
_ndb_struct_na_base_pair.j_symmetry 
_ndb_struct_na_base_pair.shear 
_ndb_struct_na_base_pair.stretch 
_ndb_struct_na_base_pair.stagger 
_ndb_struct_na_base_pair.buckle 
_ndb_struct_na_base_pair.propeller 
_ndb_struct_na_base_pair.opening 
_ndb_struct_na_base_pair.pair_number 
_ndb_struct_na_base_pair.pair_name 
_ndb_struct_na_base_pair.i_auth_asym_id 
_ndb_struct_na_base_pair.i_auth_seq_id 
_ndb_struct_na_base_pair.i_PDB_ins_code 
_ndb_struct_na_base_pair.j_auth_asym_id 
_ndb_struct_na_base_pair.j_auth_seq_id 
_ndb_struct_na_base_pair.j_PDB_ins_code 
_ndb_struct_na_base_pair.hbond_type_28 
_ndb_struct_na_base_pair.hbond_type_12 
1 A 0DG 1 1_555  A 0DC 8 10_555 0.429 -0.163 -0.260 -15.092 19.818 -2.418 1 A_0DG1:0DC8_A A 1 ? A 8 ? 19 1 
1 A 0DG 3 1_555  A 0DC 6 10_555 0.214 -0.106 0.089  -7.338  10.665 -1.417 2 A_0DG3:0DC6_A A 3 ? A 6 ? 19 1 
1 A 0DG 1 10_555 A 0DC 8 1_555  0.429 -0.163 -0.260 -15.092 19.818 -2.418 3 A_0DG1:0DC8_A A 1 ? A 8 ? 19 1 
1 A 0DG 3 10_555 A 0DC 6 1_555  0.214 -0.106 0.089  -7.338  10.665 -1.417 4 A_0DG3:0DC6_A A 3 ? A 6 ? 19 1 
# 
loop_
_ndb_struct_na_base_pair_step.model_number 
_ndb_struct_na_base_pair_step.i_label_asym_id_1 
_ndb_struct_na_base_pair_step.i_label_comp_id_1 
_ndb_struct_na_base_pair_step.i_label_seq_id_1 
_ndb_struct_na_base_pair_step.i_symmetry_1 
_ndb_struct_na_base_pair_step.j_label_asym_id_1 
_ndb_struct_na_base_pair_step.j_label_comp_id_1 
_ndb_struct_na_base_pair_step.j_label_seq_id_1 
_ndb_struct_na_base_pair_step.j_symmetry_1 
_ndb_struct_na_base_pair_step.i_label_asym_id_2 
_ndb_struct_na_base_pair_step.i_label_comp_id_2 
_ndb_struct_na_base_pair_step.i_label_seq_id_2 
_ndb_struct_na_base_pair_step.i_symmetry_2 
_ndb_struct_na_base_pair_step.j_label_asym_id_2 
_ndb_struct_na_base_pair_step.j_label_comp_id_2 
_ndb_struct_na_base_pair_step.j_label_seq_id_2 
_ndb_struct_na_base_pair_step.j_symmetry_2 
_ndb_struct_na_base_pair_step.shift 
_ndb_struct_na_base_pair_step.slide 
_ndb_struct_na_base_pair_step.rise 
_ndb_struct_na_base_pair_step.tilt 
_ndb_struct_na_base_pair_step.roll 
_ndb_struct_na_base_pair_step.twist 
_ndb_struct_na_base_pair_step.x_displacement 
_ndb_struct_na_base_pair_step.y_displacement 
_ndb_struct_na_base_pair_step.helical_rise 
_ndb_struct_na_base_pair_step.inclination 
_ndb_struct_na_base_pair_step.tip 
_ndb_struct_na_base_pair_step.helical_twist 
_ndb_struct_na_base_pair_step.step_number 
_ndb_struct_na_base_pair_step.step_name 
_ndb_struct_na_base_pair_step.i_auth_asym_id_1 
_ndb_struct_na_base_pair_step.i_auth_seq_id_1 
_ndb_struct_na_base_pair_step.i_PDB_ins_code_1 
_ndb_struct_na_base_pair_step.j_auth_asym_id_1 
_ndb_struct_na_base_pair_step.j_auth_seq_id_1 
_ndb_struct_na_base_pair_step.j_PDB_ins_code_1 
_ndb_struct_na_base_pair_step.i_auth_asym_id_2 
_ndb_struct_na_base_pair_step.i_auth_seq_id_2 
_ndb_struct_na_base_pair_step.i_PDB_ins_code_2 
_ndb_struct_na_base_pair_step.j_auth_asym_id_2 
_ndb_struct_na_base_pair_step.j_auth_seq_id_2 
_ndb_struct_na_base_pair_step.j_PDB_ins_code_2 
1 A 0DG 1 1_555  A 0DC 8 10_555 A 0DG 3 1_555  A 0DC 6 10_555 0.523 -2.115 6.194 -5.679 -10.050 -67.042 2.604 0.067 5.886 9.031 
-5.103 -67.914 1 AA_0DG10DG3:0DC60DC8_AA A 1 ? A 8 ? A 3 ? A 6 ? 
1 A 0DG 1 10_555 A 0DC 8 1_555  A 0DG 3 10_555 A 0DC 6 1_555  0.523 -2.115 6.194 -5.679 -10.050 -67.042 2.604 0.067 5.886 9.031 
-5.103 -67.914 2 AA_0DG10DG3:0DC60DC8_AA A 1 ? A 8 ? A 3 ? A 6 ? 
# 
_pdbx_entity_instance_feature.ordinal        1 
_pdbx_entity_instance_feature.comp_id        XY7 
_pdbx_entity_instance_feature.asym_id        ? 
_pdbx_entity_instance_feature.seq_num        ? 
_pdbx_entity_instance_feature.auth_comp_id   XY7 
_pdbx_entity_instance_feature.auth_asym_id   ? 
_pdbx_entity_instance_feature.auth_seq_num   ? 
_pdbx_entity_instance_feature.feature_type   'SUBJECT OF INVESTIGATION' 
_pdbx_entity_instance_feature.details        ? 
# 
loop_
_pdbx_entity_nonpoly.entity_id 
_pdbx_entity_nonpoly.name 
_pdbx_entity_nonpoly.comp_id 
2 'MAGNESIUM ION' MG  
3 water           HOH 
# 
_pdbx_initial_refinement_model.id               1 
_pdbx_initial_refinement_model.entity_id_list   ? 
_pdbx_initial_refinement_model.type             'experimental model' 
_pdbx_initial_refinement_model.source_name      PDB 
_pdbx_initial_refinement_model.accession_code   1D79 
_pdbx_initial_refinement_model.details          ? 
# 
_pdbx_struct_assembly_auth_evidence.id                     1 
_pdbx_struct_assembly_auth_evidence.assembly_id            1 
_pdbx_struct_assembly_auth_evidence.experimental_support   'native gel electrophoresis' 
_pdbx_struct_assembly_auth_evidence.details                ? 
# 
